data_4GCS
#
_entry.id   4GCS
#
_cell.length_a   116.810
_cell.length_b   116.810
_cell.length_c   52.810
_cell.angle_alpha   90.00
_cell.angle_beta   90.00
_cell.angle_gamma   120.00
#
_symmetry.space_group_name_H-M   'P 3'
#
loop_
_entity.id
_entity.type
_entity.pdbx_description
1 polymer 'Outer membrane protein F'
2 non-polymer '(4R,5S)-3-({(3S,5S)-5-[(3-carboxyphenyl)carbamoyl]pyrrolidin-3-yl}sulfanyl)-5-[(1S,2R)-1-formyl-2-hydroxypropyl]-4-methyl-4,5-dihydro-1H-pyrrole-2-carboxylic acid'
3 water water
#
_entity_poly.entity_id   1
_entity_poly.type   'polypeptide(L)'
_entity_poly.pdbx_seq_one_letter_code
;GAEIYNKDGNKVDLYGKAVGLHYFSKGNGENSYGGNGDMTYARLGFKGETQINSDLTGYGQWEYNFQGNNSEGADAQTGN
KTRLAFAGLKYADVGSFDYGRNYGVVYDALGYTDMLPEFGGDTAYSDDFFVGRVGGVATYRNSNFFGLVDGLNFAVQYLG
KNERDTARRSNGDGVGGSISYEYEGFGIVGAYGAADRTNLQEAQPLGNGKKAEQWATGLKYDANNIYLAANYGETRNATP
ITNKFTNTSGFANKTQDVLLVAQYQFDFGLRPSIAYTKSKAKDVEGIGDVDLVNYFEVGATYYFNKNMSTYVDYIINQID
SDNKLGVGSDDTVAVGIVYQF
;
_entity_poly.pdbx_strand_id   A,B
#
# COMPACT_ATOMS: atom_id res chain seq x y z
N GLY A 9 1.49 -10.59 30.83
CA GLY A 9 2.57 -10.38 29.88
C GLY A 9 2.65 -8.89 29.50
N ASN A 10 2.96 -8.02 30.46
CA ASN A 10 3.24 -6.61 30.19
C ASN A 10 4.76 -6.31 30.35
N LYS A 11 5.38 -5.56 29.43
CA LYS A 11 6.74 -5.07 29.66
C LYS A 11 6.67 -3.51 29.55
N VAL A 12 7.12 -2.80 30.59
CA VAL A 12 7.17 -1.33 30.54
C VAL A 12 8.58 -0.97 30.94
N ASP A 13 9.18 -0.10 30.17
CA ASP A 13 10.48 0.48 30.41
C ASP A 13 10.25 1.94 30.80
N LEU A 14 10.75 2.33 31.97
CA LEU A 14 11.00 3.73 32.24
C LEU A 14 12.36 4.06 31.60
N TYR A 15 12.49 5.18 30.91
CA TYR A 15 13.78 5.43 30.23
C TYR A 15 14.12 6.91 30.34
N GLY A 16 15.36 7.31 30.02
CA GLY A 16 15.61 8.74 30.21
C GLY A 16 17.07 9.00 29.85
N LYS A 17 17.46 10.27 29.86
CA LYS A 17 18.88 10.61 29.73
C LYS A 17 19.14 11.95 30.35
N ALA A 18 20.41 12.16 30.70
CA ALA A 18 20.82 13.45 31.25
C ALA A 18 21.86 13.84 30.28
N VAL A 19 21.70 15.03 29.69
CA VAL A 19 22.64 15.54 28.68
C VAL A 19 23.27 16.89 29.06
N GLY A 20 24.56 16.85 29.43
CA GLY A 20 25.36 18.09 29.68
C GLY A 20 25.69 18.56 28.30
N LEU A 21 25.28 19.79 27.97
CA LEU A 21 25.44 20.21 26.62
C LEU A 21 25.79 21.71 26.59
N HIS A 22 26.79 22.06 25.76
CA HIS A 22 27.24 23.45 25.68
C HIS A 22 27.39 23.84 24.22
N TYR A 23 26.88 25.00 23.86
CA TYR A 23 27.07 25.55 22.47
C TYR A 23 28.04 26.74 22.45
N PHE A 24 28.98 26.71 21.50
CA PHE A 24 29.96 27.78 21.31
C PHE A 24 29.69 28.46 19.98
N SER A 25 29.27 29.74 20.06
CA SER A 25 29.15 30.53 18.88
C SER A 25 29.71 31.93 19.19
N LYS A 26 30.04 32.66 18.13
CA LYS A 26 30.83 33.87 18.34
C LYS A 26 29.87 34.90 18.92
N GLY A 27 30.40 35.72 19.83
CA GLY A 27 29.65 36.75 20.54
C GLY A 27 28.34 36.30 21.14
N ASN A 28 27.26 36.73 20.51
CA ASN A 28 25.87 36.54 21.03
C ASN A 28 25.35 35.08 21.36
N GLY A 29 25.43 34.06 20.50
CA GLY A 29 25.33 34.07 19.06
C GLY A 29 23.88 34.25 18.65
N GLU A 30 23.39 35.48 18.83
CA GLU A 30 22.12 35.92 18.29
C GLU A 30 22.06 35.82 16.74
N ASN A 31 23.21 35.87 16.09
CA ASN A 31 23.35 35.70 14.64
C ASN A 31 24.03 34.35 14.25
N SER A 32 23.87 33.31 15.08
CA SER A 32 24.45 32.01 14.75
C SER A 32 23.42 30.94 14.41
N TYR A 33 23.91 29.81 13.94
CA TYR A 33 23.06 28.70 13.61
C TYR A 33 22.31 28.22 14.87
N GLY A 34 23.03 27.99 15.96
CA GLY A 34 22.49 27.20 17.09
C GLY A 34 22.36 28.00 18.38
N GLY A 35 22.99 29.18 18.46
CA GLY A 35 23.00 29.97 19.72
C GLY A 35 24.26 29.71 20.50
N ASN A 36 24.25 30.03 21.78
CA ASN A 36 25.49 29.98 22.57
C ASN A 36 25.17 29.80 24.06
N GLY A 37 26.00 29.11 24.77
CA GLY A 37 25.72 29.00 26.21
C GLY A 37 25.34 27.56 26.57
N ASP A 38 25.03 27.37 27.83
CA ASP A 38 24.51 26.10 28.36
C ASP A 38 23.20 25.64 27.69
N MET A 39 23.14 24.38 27.24
CA MET A 39 21.91 23.90 26.61
C MET A 39 21.60 22.52 27.21
N THR A 40 22.22 22.20 28.35
CA THR A 40 21.90 20.96 29.15
C THR A 40 20.36 20.68 29.26
N TYR A 41 19.96 19.39 29.22
CA TYR A 41 18.58 19.06 29.40
C TYR A 41 18.52 17.55 29.77
N ALA A 42 17.31 17.10 30.09
CA ALA A 42 17.11 15.70 30.50
C ALA A 42 15.77 15.29 29.87
N ARG A 43 15.60 13.98 29.67
CA ARG A 43 14.34 13.40 29.10
C ARG A 43 13.95 12.29 30.03
N LEU A 44 12.63 12.11 30.20
CA LEU A 44 12.07 11.04 31.02
C LEU A 44 10.92 10.48 30.18
N GLY A 45 10.77 9.15 30.16
CA GLY A 45 9.59 8.62 29.42
C GLY A 45 9.28 7.21 29.92
N PHE A 46 8.14 6.69 29.48
CA PHE A 46 7.94 5.27 29.61
C PHE A 46 7.49 4.74 28.25
N LYS A 47 7.76 3.46 27.98
CA LYS A 47 7.19 2.83 26.84
C LYS A 47 6.81 1.42 27.21
N GLY A 48 5.57 1.09 26.89
CA GLY A 48 5.11 -0.19 27.38
C GLY A 48 4.40 -0.98 26.29
N GLU A 49 4.38 -2.30 26.44
CA GLU A 49 3.64 -3.11 25.50
C GLU A 49 3.11 -4.31 26.26
N THR A 50 1.85 -4.65 26.01
CA THR A 50 1.25 -5.81 26.64
C THR A 50 0.80 -6.84 25.55
N GLN A 51 1.15 -8.12 25.73
CA GLN A 51 0.69 -9.17 24.83
C GLN A 51 -0.69 -9.60 25.28
N ILE A 52 -1.72 -9.16 24.58
CA ILE A 52 -3.13 -9.45 24.87
C ILE A 52 -3.42 -10.93 24.52
N ASN A 53 -3.06 -11.32 23.30
CA ASN A 53 -3.08 -12.74 22.92
C ASN A 53 -1.97 -12.96 21.92
N SER A 54 -1.88 -14.13 21.31
CA SER A 54 -0.72 -14.43 20.47
C SER A 54 -0.61 -13.46 19.29
N ASP A 55 -1.75 -12.92 18.89
CA ASP A 55 -1.77 -12.07 17.71
C ASP A 55 -2.00 -10.55 18.01
N LEU A 56 -2.30 -10.20 19.25
CA LEU A 56 -2.73 -8.80 19.53
C LEU A 56 -1.85 -8.26 20.64
N THR A 57 -1.33 -7.05 20.44
CA THR A 57 -0.47 -6.36 21.43
C THR A 57 -1.04 -4.91 21.65
N GLY A 58 -1.11 -4.43 22.90
CA GLY A 58 -1.48 -3.01 23.17
C GLY A 58 -0.14 -2.33 23.57
N TYR A 59 -0.05 -1.00 23.40
CA TYR A 59 1.20 -0.36 23.68
C TYR A 59 0.91 1.13 23.99
N GLY A 60 1.86 1.79 24.67
CA GLY A 60 1.66 3.22 25.02
C GLY A 60 3.05 3.79 25.23
N GLN A 61 3.18 5.11 24.99
CA GLN A 61 4.43 5.75 25.26
C GLN A 61 4.20 7.23 25.65
N TRP A 62 5.03 7.71 26.56
CA TRP A 62 4.96 9.12 26.98
C TRP A 62 6.45 9.52 27.12
N GLU A 63 6.82 10.72 26.65
CA GLU A 63 8.22 11.18 26.72
C GLU A 63 8.17 12.69 27.03
N TYR A 64 9.04 13.15 27.92
CA TYR A 64 8.94 14.60 28.32
C TYR A 64 10.36 15.16 28.26
N ASN A 65 10.50 16.45 27.94
CA ASN A 65 11.77 17.13 27.97
C ASN A 65 11.81 18.15 29.14
N PHE A 66 12.85 18.06 29.97
CA PHE A 66 13.07 18.96 31.09
C PHE A 66 14.33 19.73 30.79
N GLN A 67 14.23 21.06 30.57
CA GLN A 67 15.51 21.79 30.32
C GLN A 67 16.32 21.80 31.59
N GLY A 68 17.64 21.84 31.45
CA GLY A 68 18.56 21.82 32.55
C GLY A 68 19.32 23.15 32.62
N ASN A 69 18.92 24.11 31.80
CA ASN A 69 19.63 25.38 31.65
C ASN A 69 18.74 26.57 32.07
N ASN A 70 17.71 26.27 32.84
CA ASN A 70 16.90 27.29 33.46
C ASN A 70 17.30 27.47 34.91
N SER A 71 16.93 28.62 35.47
CA SER A 71 17.14 28.82 36.87
C SER A 71 16.00 28.16 37.67
N GLU A 72 16.02 28.17 38.98
CA GLU A 72 14.89 27.65 39.77
C GLU A 72 13.89 28.79 40.10
N GLY A 73 14.04 29.98 39.50
CA GLY A 73 13.04 31.02 39.75
C GLY A 73 11.98 31.03 38.63
N ALA A 74 11.63 32.22 38.14
CA ALA A 74 10.41 32.32 37.32
C ALA A 74 10.50 31.68 35.97
N ASP A 75 11.72 31.58 35.43
CA ASP A 75 11.91 31.05 34.11
C ASP A 75 12.02 29.49 34.22
N ALA A 76 11.71 28.93 35.37
CA ALA A 76 11.99 27.43 35.56
C ALA A 76 11.40 26.50 34.47
N GLN A 77 10.27 26.91 33.87
CA GLN A 77 9.56 26.04 32.92
C GLN A 77 9.89 26.24 31.47
N THR A 78 10.79 27.16 31.15
CA THR A 78 11.07 27.45 29.72
C THR A 78 11.54 26.22 28.99
N GLY A 79 10.84 25.88 27.88
CA GLY A 79 11.30 24.83 26.95
C GLY A 79 10.94 23.42 27.50
N ASN A 80 10.12 23.37 28.55
CA ASN A 80 9.67 22.07 29.13
C ASN A 80 8.40 21.69 28.38
N LYS A 81 8.29 20.41 28.00
CA LYS A 81 7.16 19.96 27.24
C LYS A 81 7.10 18.42 27.17
N THR A 82 5.87 17.95 27.03
CA THR A 82 5.64 16.59 26.52
C THR A 82 6.01 16.52 25.02
N ARG A 83 6.83 15.53 24.66
CA ARG A 83 7.19 15.32 23.28
C ARG A 83 6.24 14.33 22.63
N LEU A 84 5.98 13.23 23.34
CA LEU A 84 5.08 12.16 22.80
C LEU A 84 4.04 11.73 23.85
N ALA A 85 2.83 11.33 23.40
CA ALA A 85 1.89 10.76 24.35
C ALA A 85 0.84 10.05 23.53
N PHE A 86 0.90 8.74 23.42
CA PHE A 86 -0.02 8.06 22.55
C PHE A 86 -0.21 6.62 23.03
N ALA A 87 -1.29 5.98 22.52
CA ALA A 87 -1.46 4.52 22.79
C ALA A 87 -2.10 3.87 21.58
N GLY A 88 -1.94 2.55 21.43
CA GLY A 88 -2.28 1.94 20.18
C GLY A 88 -2.48 0.40 20.39
N LEU A 89 -2.86 -0.24 19.28
CA LEU A 89 -3.00 -1.70 19.22
C LEU A 89 -2.34 -2.19 17.97
N LYS A 90 -1.78 -3.41 18.00
CA LYS A 90 -1.11 -3.91 16.84
C LYS A 90 -1.61 -5.35 16.66
N TYR A 91 -2.18 -5.63 15.50
CA TYR A 91 -2.82 -6.94 15.27
C TYR A 91 -2.09 -7.78 14.19
N ALA A 92 -1.64 -8.98 14.61
CA ALA A 92 -0.84 -9.99 13.88
C ALA A 92 -0.14 -9.36 12.71
N ASP A 93 -0.72 -9.51 11.52
CA ASP A 93 -0.10 -8.93 10.32
C ASP A 93 -0.98 -7.78 9.71
N VAL A 94 -2.13 -7.49 10.34
CA VAL A 94 -3.13 -6.54 9.84
C VAL A 94 -2.66 -5.06 9.90
N GLY A 95 -1.91 -4.71 10.95
CA GLY A 95 -1.29 -3.41 11.06
C GLY A 95 -1.36 -2.93 12.52
N SER A 96 -0.87 -1.70 12.71
CA SER A 96 -0.95 -1.07 14.04
C SER A 96 -1.76 0.22 13.92
N PHE A 97 -2.45 0.59 15.00
N PHE A 97 -2.38 0.65 15.03
CA PHE A 97 -3.18 1.86 15.02
CA PHE A 97 -3.29 1.81 15.03
C PHE A 97 -2.81 2.49 16.33
C PHE A 97 -3.13 2.62 16.33
N ASP A 98 -2.44 3.78 16.32
CA ASP A 98 -2.28 4.52 17.51
C ASP A 98 -2.85 5.94 17.34
N TYR A 99 -3.21 6.56 18.47
CA TYR A 99 -3.71 7.93 18.51
C TYR A 99 -3.02 8.73 19.63
N GLY A 100 -2.75 10.01 19.36
CA GLY A 100 -2.16 10.84 20.42
C GLY A 100 -1.24 11.89 19.82
N ARG A 101 -0.26 12.32 20.63
CA ARG A 101 0.88 13.13 20.16
C ARG A 101 2.07 12.25 19.71
N ASN A 102 2.35 12.29 18.39
CA ASN A 102 3.30 11.34 17.84
C ASN A 102 3.98 12.04 16.66
N TYR A 103 4.93 11.36 16.07
CA TYR A 103 5.62 11.83 14.84
C TYR A 103 4.69 11.92 13.66
N GLY A 104 4.60 13.12 13.07
CA GLY A 104 4.03 13.29 11.71
C GLY A 104 4.59 12.25 10.68
N VAL A 105 3.78 11.85 9.73
CA VAL A 105 4.11 10.68 8.88
C VAL A 105 5.16 11.06 7.81
N VAL A 106 5.27 12.35 7.51
CA VAL A 106 6.44 12.79 6.65
C VAL A 106 7.81 12.55 7.34
N TYR A 107 7.83 12.50 8.68
CA TYR A 107 9.03 12.16 9.36
C TYR A 107 9.45 10.70 8.99
N ASP A 108 8.57 9.93 8.35
CA ASP A 108 8.99 8.55 8.00
C ASP A 108 10.06 8.68 6.91
N ALA A 109 10.01 9.79 6.18
CA ALA A 109 11.10 10.07 5.21
C ALA A 109 12.19 10.85 5.90
N LEU A 110 11.85 11.93 6.59
CA LEU A 110 12.89 12.85 7.12
C LEU A 110 13.81 12.17 8.15
N GLY A 111 13.32 11.12 8.80
CA GLY A 111 14.11 10.41 9.83
C GLY A 111 15.40 9.87 9.20
N TYR A 112 15.47 9.76 7.86
CA TYR A 112 16.61 9.16 7.22
C TYR A 112 17.88 9.95 7.48
N THR A 113 17.76 11.28 7.43
CA THR A 113 18.90 12.16 7.65
C THR A 113 18.97 12.77 9.02
N ASP A 114 17.96 12.49 9.86
CA ASP A 114 17.91 13.15 11.17
C ASP A 114 18.80 12.31 12.08
N MET A 115 20.12 12.35 11.86
CA MET A 115 21.05 11.34 12.43
C MET A 115 22.34 11.99 12.99
N LEU A 116 22.39 13.31 13.07
CA LEU A 116 23.61 13.99 13.43
C LEU A 116 23.85 13.95 14.96
N PRO A 117 25.11 14.15 15.39
CA PRO A 117 25.34 14.06 16.86
C PRO A 117 24.45 15.04 17.65
N GLU A 118 24.27 16.28 17.18
CA GLU A 118 23.42 17.23 17.89
C GLU A 118 22.45 17.93 17.02
N PHE A 119 22.87 18.37 15.82
CA PHE A 119 22.04 19.31 15.04
C PHE A 119 21.32 18.45 13.93
N GLY A 120 21.13 18.96 12.72
CA GLY A 120 20.53 18.20 11.63
C GLY A 120 19.03 18.11 11.76
N GLY A 121 18.38 17.42 10.81
CA GLY A 121 16.90 17.25 10.88
C GLY A 121 16.19 18.62 10.88
N ASP A 122 16.75 19.61 10.19
CA ASP A 122 16.24 21.00 10.30
C ASP A 122 14.83 21.22 9.79
N THR A 123 14.40 20.39 8.85
CA THR A 123 13.05 20.59 8.27
C THR A 123 11.94 19.76 8.98
N ALA A 124 12.34 18.96 10.00
CA ALA A 124 11.42 18.21 10.81
C ALA A 124 10.89 19.07 11.99
N TYR A 125 10.26 20.21 11.70
CA TYR A 125 9.76 21.12 12.69
C TYR A 125 8.68 20.49 13.58
N SER A 126 8.73 20.77 14.88
CA SER A 126 7.61 20.34 15.75
C SER A 126 6.35 21.14 15.52
N ASP A 127 5.18 20.51 15.78
CA ASP A 127 3.84 21.13 15.59
C ASP A 127 3.82 21.82 14.23
N ASP A 128 4.12 21.05 13.21
CA ASP A 128 4.15 21.62 11.88
C ASP A 128 3.56 20.65 10.90
N PHE A 129 2.26 20.38 10.99
CA PHE A 129 1.59 19.50 10.12
C PHE A 129 2.25 18.12 10.23
N PHE A 130 2.89 17.60 9.16
CA PHE A 130 3.30 16.14 9.12
C PHE A 130 4.79 15.85 9.27
N VAL A 131 5.60 16.90 9.44
CA VAL A 131 7.10 16.76 9.44
C VAL A 131 7.76 16.47 10.80
N GLY A 132 7.02 16.61 11.87
CA GLY A 132 7.63 16.57 13.23
C GLY A 132 6.59 16.09 14.19
N ARG A 133 6.91 16.11 15.48
CA ARG A 133 5.90 15.66 16.46
C ARG A 133 4.71 16.62 16.43
N VAL A 134 3.51 16.09 16.64
CA VAL A 134 2.36 16.92 16.47
C VAL A 134 1.24 16.26 17.24
N GLY A 135 0.29 17.08 17.66
CA GLY A 135 -0.87 16.64 18.46
C GLY A 135 -2.06 16.17 17.66
N GLY A 136 -2.71 15.13 18.18
CA GLY A 136 -3.99 14.70 17.63
C GLY A 136 -3.87 13.97 16.30
N VAL A 137 -2.89 13.05 16.14
CA VAL A 137 -2.77 12.23 14.93
C VAL A 137 -3.17 10.79 15.19
N ALA A 138 -4.03 10.26 14.29
CA ALA A 138 -4.35 8.88 14.29
C ALA A 138 -3.53 8.22 13.21
N THR A 139 -2.71 7.17 13.54
CA THR A 139 -1.75 6.70 12.60
C THR A 139 -1.89 5.23 12.43
N TYR A 140 -2.12 4.79 11.19
CA TYR A 140 -2.15 3.35 10.86
C TYR A 140 -0.85 2.94 10.15
N ARG A 141 -0.21 1.82 10.52
CA ARG A 141 1.04 1.44 9.89
C ARG A 141 0.97 -0.03 9.55
N ASN A 142 1.63 -0.41 8.45
CA ASN A 142 1.57 -1.79 8.02
C ASN A 142 2.99 -2.23 7.74
N SER A 143 3.40 -3.38 8.22
CA SER A 143 4.73 -3.88 7.94
C SER A 143 4.65 -5.04 6.95
N ASN A 144 5.58 -5.06 5.97
CA ASN A 144 5.71 -6.16 4.99
C ASN A 144 4.39 -6.44 4.23
N PHE A 145 3.62 -5.41 3.92
CA PHE A 145 2.33 -5.54 3.20
C PHE A 145 1.46 -6.67 3.68
N PHE A 146 0.95 -6.51 4.90
CA PHE A 146 0.11 -7.56 5.46
C PHE A 146 0.83 -8.90 5.63
N GLY A 147 2.16 -8.90 5.70
CA GLY A 147 2.87 -10.21 5.81
C GLY A 147 3.16 -10.82 4.45
N LEU A 148 2.80 -10.14 3.35
CA LEU A 148 2.93 -10.71 2.00
C LEU A 148 4.13 -10.23 1.17
N VAL A 149 4.71 -9.09 1.52
CA VAL A 149 5.83 -8.59 0.75
C VAL A 149 6.90 -8.13 1.76
N ASP A 150 7.89 -8.97 1.97
CA ASP A 150 8.93 -8.64 2.94
C ASP A 150 9.60 -7.34 2.56
N GLY A 151 9.67 -6.42 3.49
CA GLY A 151 10.41 -5.14 3.22
C GLY A 151 9.57 -3.95 2.79
N LEU A 152 8.30 -4.21 2.42
CA LEU A 152 7.45 -3.15 1.93
C LEU A 152 6.45 -2.68 3.02
N ASN A 153 6.56 -1.41 3.46
CA ASN A 153 5.80 -0.91 4.58
C ASN A 153 5.00 0.30 4.08
N PHE A 154 3.86 0.60 4.72
CA PHE A 154 3.20 1.87 4.44
C PHE A 154 2.48 2.40 5.63
N ALA A 155 2.01 3.62 5.55
CA ALA A 155 1.28 4.18 6.66
C ALA A 155 0.36 5.24 6.14
N VAL A 156 -0.70 5.50 6.88
CA VAL A 156 -1.53 6.67 6.58
C VAL A 156 -1.80 7.31 7.95
N GLN A 157 -1.99 8.63 7.96
CA GLN A 157 -2.12 9.28 9.17
C GLN A 157 -3.20 10.38 9.04
N TYR A 158 -4.11 10.45 10.01
CA TYR A 158 -5.16 11.51 10.00
C TYR A 158 -4.86 12.51 11.08
N LEU A 159 -4.76 13.76 10.67
CA LEU A 159 -4.43 14.86 11.56
C LEU A 159 -5.67 15.68 11.82
N GLY A 160 -6.07 15.76 13.11
CA GLY A 160 -7.21 16.55 13.51
C GLY A 160 -6.80 18.00 13.68
N LYS A 161 -7.73 18.91 13.33
CA LYS A 161 -7.43 20.30 13.47
C LYS A 161 -7.05 20.66 14.94
N ASN A 162 -6.00 21.49 15.07
CA ASN A 162 -5.59 22.15 16.35
C ASN A 162 -5.58 23.67 16.20
N GLU A 163 -6.70 24.30 16.57
CA GLU A 163 -6.74 25.76 16.51
C GLU A 163 -6.18 26.27 17.80
N ARG A 164 -4.90 26.60 17.83
CA ARG A 164 -4.18 27.00 19.03
C ARG A 164 -4.05 28.52 19.00
N ASP A 165 -3.35 29.05 19.99
CA ASP A 165 -3.32 30.54 20.18
C ASP A 165 -2.32 31.22 19.26
N THR A 166 -1.49 30.42 18.61
CA THR A 166 -0.61 30.96 17.61
C THR A 166 -0.78 30.24 16.29
N ALA A 167 -0.53 30.97 15.19
CA ALA A 167 -0.44 30.41 13.85
C ALA A 167 0.66 29.34 13.79
N ARG A 168 1.79 29.65 14.40
CA ARG A 168 2.95 28.77 14.25
C ARG A 168 2.63 27.30 14.69
N ARG A 169 1.81 27.17 15.72
CA ARG A 169 1.56 25.86 16.38
C ARG A 169 0.19 25.29 16.05
N SER A 170 -0.53 25.95 15.09
CA SER A 170 -1.87 25.51 14.69
C SER A 170 -1.85 24.63 13.45
N ASN A 171 -2.99 23.93 13.17
CA ASN A 171 -3.20 23.31 11.87
C ASN A 171 -4.65 23.02 11.68
N GLY A 172 -5.07 22.83 10.42
CA GLY A 172 -6.40 22.29 10.20
C GLY A 172 -6.40 20.77 10.03
N ASP A 173 -7.54 20.19 9.68
CA ASP A 173 -7.64 18.74 9.40
C ASP A 173 -6.81 18.36 8.20
N GLY A 174 -6.17 17.18 8.23
CA GLY A 174 -5.44 16.78 7.06
C GLY A 174 -5.17 15.29 7.01
N VAL A 175 -4.61 14.84 5.88
CA VAL A 175 -4.28 13.41 5.73
C VAL A 175 -2.90 13.37 5.11
N GLY A 176 -2.11 12.36 5.51
CA GLY A 176 -0.76 12.13 4.98
C GLY A 176 -0.51 10.62 4.96
N GLY A 177 0.55 10.16 4.28
CA GLY A 177 0.90 8.71 4.29
C GLY A 177 2.33 8.55 3.79
N SER A 178 2.83 7.31 3.75
CA SER A 178 4.19 7.08 3.42
C SER A 178 4.23 5.67 2.89
N ILE A 179 5.23 5.38 2.05
CA ILE A 179 5.44 4.01 1.59
C ILE A 179 6.98 3.86 1.51
N SER A 180 7.51 2.73 1.95
CA SER A 180 8.96 2.55 1.95
C SER A 180 9.23 1.10 1.62
N TYR A 181 10.44 0.87 1.15
CA TYR A 181 10.85 -0.46 0.79
C TYR A 181 12.32 -0.62 1.17
N GLU A 182 12.63 -1.70 1.90
CA GLU A 182 13.99 -1.97 2.36
C GLU A 182 14.42 -3.36 1.93
N TYR A 183 15.68 -3.47 1.56
CA TYR A 183 16.21 -4.65 0.94
C TYR A 183 17.75 -4.70 1.10
N GLU A 184 18.21 -5.66 1.90
CA GLU A 184 19.63 -5.92 2.25
C GLU A 184 20.41 -4.62 2.42
N GLY A 185 20.02 -3.83 3.41
CA GLY A 185 20.76 -2.61 3.67
C GLY A 185 20.33 -1.35 2.96
N PHE A 186 19.64 -1.43 1.81
CA PHE A 186 19.16 -0.21 1.13
C PHE A 186 17.74 0.10 1.55
N GLY A 187 17.34 1.38 1.50
CA GLY A 187 15.99 1.74 1.85
C GLY A 187 15.59 2.88 0.94
N ILE A 188 14.34 2.89 0.47
CA ILE A 188 13.78 4.03 -0.21
C ILE A 188 12.41 4.35 0.40
N VAL A 189 12.04 5.65 0.44
CA VAL A 189 10.83 6.05 1.09
C VAL A 189 10.24 7.26 0.41
N GLY A 190 8.90 7.32 0.35
CA GLY A 190 8.27 8.60 0.00
C GLY A 190 7.14 8.86 0.98
N ALA A 191 6.85 10.14 1.26
CA ALA A 191 5.81 10.54 2.20
C ALA A 191 5.28 11.86 1.65
N TYR A 192 3.98 12.07 1.82
CA TYR A 192 3.27 13.29 1.43
C TYR A 192 2.11 13.52 2.39
N GLY A 193 1.83 14.74 2.82
CA GLY A 193 0.57 15.00 3.53
C GLY A 193 0.12 16.40 3.14
N ALA A 194 -1.19 16.63 3.30
CA ALA A 194 -1.83 17.92 3.03
C ALA A 194 -2.90 18.14 4.06
N ALA A 195 -3.10 19.40 4.41
CA ALA A 195 -4.07 19.79 5.45
C ALA A 195 -4.58 21.19 5.20
N ASP A 196 -5.78 21.50 5.71
CA ASP A 196 -6.24 22.91 5.69
C ASP A 196 -5.31 23.70 6.61
N ARG A 197 -5.16 25.00 6.31
CA ARG A 197 -4.61 26.00 7.22
C ARG A 197 -5.78 26.65 7.96
N THR A 198 -5.56 27.15 9.16
CA THR A 198 -6.64 27.72 9.94
C THR A 198 -6.71 29.25 9.59
N ASN A 199 -7.82 29.89 9.95
CA ASN A 199 -7.94 31.36 9.69
C ASN A 199 -6.81 32.18 10.26
N LEU A 200 -6.32 31.78 11.45
CA LEU A 200 -5.20 32.50 12.05
C LEU A 200 -3.90 32.39 11.24
N GLN A 201 -3.61 31.21 10.71
CA GLN A 201 -2.46 30.99 9.84
C GLN A 201 -2.57 31.82 8.53
N GLU A 202 -3.76 31.82 7.94
CA GLU A 202 -4.05 32.71 6.80
C GLU A 202 -3.84 34.21 7.05
N ALA A 203 -4.10 34.69 8.26
CA ALA A 203 -3.97 36.13 8.59
C ALA A 203 -2.50 36.53 8.74
N GLN A 204 -1.60 35.56 8.71
CA GLN A 204 -0.20 35.90 8.83
C GLN A 204 0.24 36.64 7.55
N PRO A 205 1.11 37.67 7.70
CA PRO A 205 1.65 38.41 6.55
C PRO A 205 2.41 37.48 5.58
N LEU A 206 3.14 36.50 6.11
CA LEU A 206 3.92 35.59 5.25
C LEU A 206 3.17 34.30 4.95
N GLY A 207 3.12 33.97 3.67
CA GLY A 207 2.45 32.78 3.14
C GLY A 207 0.97 32.99 2.84
N ASN A 208 0.53 32.45 1.73
CA ASN A 208 -0.83 32.65 1.26
C ASN A 208 -1.38 31.39 0.63
N GLY A 209 -2.54 30.93 1.11
CA GLY A 209 -3.19 29.76 0.52
C GLY A 209 -3.99 28.97 1.53
N LYS A 210 -4.95 28.19 1.03
CA LYS A 210 -5.86 27.47 1.90
C LYS A 210 -5.35 26.07 2.37
N LYS A 211 -4.35 25.51 1.69
CA LYS A 211 -3.82 24.18 2.04
C LYS A 211 -2.31 24.22 2.27
N ALA A 212 -1.89 23.54 3.33
CA ALA A 212 -0.47 23.16 3.51
C ALA A 212 -0.14 21.77 2.94
N GLU A 213 1.04 21.63 2.35
CA GLU A 213 1.54 20.43 1.76
C GLU A 213 3.00 20.23 2.06
N GLN A 214 3.38 18.96 2.25
CA GLN A 214 4.78 18.68 2.57
C GLN A 214 5.04 17.33 1.99
N TRP A 215 6.16 17.19 1.28
CA TRP A 215 6.54 15.87 0.78
C TRP A 215 8.01 15.68 0.82
N ALA A 216 8.45 14.42 0.86
CA ALA A 216 9.82 14.15 0.91
C ALA A 216 10.06 12.75 0.47
N THR A 217 11.24 12.53 -0.12
CA THR A 217 11.72 11.22 -0.47
C THR A 217 13.01 10.95 0.26
N GLY A 218 13.37 9.67 0.39
CA GLY A 218 14.59 9.31 1.06
C GLY A 218 15.28 8.09 0.50
N LEU A 219 16.61 8.11 0.48
CA LEU A 219 17.39 6.94 0.08
C LEU A 219 18.46 6.69 1.07
N LYS A 220 18.72 5.44 1.42
CA LYS A 220 19.75 5.25 2.40
C LYS A 220 20.40 3.88 2.18
N TYR A 221 21.60 3.75 2.74
CA TYR A 221 22.31 2.50 2.84
C TYR A 221 22.75 2.42 4.29
N ASP A 222 22.47 1.28 4.93
CA ASP A 222 22.63 1.18 6.35
C ASP A 222 23.01 -0.25 6.59
N ALA A 223 24.30 -0.53 6.46
CA ALA A 223 24.87 -1.90 6.71
C ALA A 223 26.36 -1.82 6.73
N ASN A 224 27.02 -2.90 7.21
CA ASN A 224 28.50 -2.94 7.26
C ASN A 224 29.14 -1.74 7.92
N ASN A 225 28.51 -1.23 8.98
CA ASN A 225 29.00 -0.03 9.74
C ASN A 225 29.00 1.27 8.99
N ILE A 226 28.38 1.26 7.81
CA ILE A 226 28.25 2.45 6.99
C ILE A 226 26.83 2.92 7.12
N TYR A 227 26.68 4.26 7.16
CA TYR A 227 25.37 4.94 7.08
C TYR A 227 25.48 6.10 6.08
N LEU A 228 24.70 6.02 4.98
CA LEU A 228 24.58 7.07 3.99
C LEU A 228 23.15 7.35 3.71
N ALA A 229 22.75 8.61 3.62
CA ALA A 229 21.31 8.87 3.35
C ALA A 229 21.18 10.20 2.75
N ALA A 230 20.11 10.34 1.96
CA ALA A 230 19.75 11.62 1.34
C ALA A 230 18.25 11.81 1.46
N ASN A 231 17.78 13.04 1.64
CA ASN A 231 16.38 13.35 1.62
C ASN A 231 16.23 14.55 0.70
N TYR A 232 15.22 14.52 -0.16
CA TYR A 232 14.78 15.69 -0.96
C TYR A 232 13.29 15.92 -0.73
N GLY A 233 12.86 17.17 -0.62
CA GLY A 233 11.44 17.45 -0.47
C GLY A 233 11.05 18.90 -0.77
N GLU A 234 9.76 19.12 -0.75
CA GLU A 234 9.18 20.47 -0.92
C GLU A 234 8.02 20.66 0.01
N THR A 235 7.66 21.91 0.25
CA THR A 235 6.52 22.18 1.06
C THR A 235 5.85 23.35 0.42
N ARG A 236 4.57 23.50 0.69
CA ARG A 236 3.81 24.66 0.28
C ARG A 236 3.04 25.16 1.49
N ASN A 237 3.26 26.44 1.83
CA ASN A 237 2.47 27.10 2.84
C ASN A 237 2.67 26.41 4.22
N ALA A 238 3.77 25.69 4.42
CA ALA A 238 3.90 24.81 5.61
C ALA A 238 5.14 25.06 6.48
N THR A 239 6.25 25.53 5.91
CA THR A 239 7.47 25.78 6.71
C THR A 239 7.38 27.14 7.41
N PRO A 240 7.55 27.21 8.77
CA PRO A 240 7.38 28.45 9.47
C PRO A 240 8.56 29.37 9.26
N ILE A 241 8.30 30.67 9.10
CA ILE A 241 9.40 31.61 8.88
C ILE A 241 9.14 32.92 9.57
N THR A 242 10.24 33.65 9.78
CA THR A 242 10.25 34.99 10.37
C THR A 242 11.20 35.88 9.54
N ASN A 243 10.81 37.15 9.40
CA ASN A 243 11.69 38.21 8.86
C ASN A 243 12.11 39.08 10.05
N LYS A 244 13.38 39.01 10.47
CA LYS A 244 13.82 39.73 11.70
C LYS A 244 13.90 41.24 11.46
N PHE A 245 13.72 41.67 10.22
CA PHE A 245 13.80 43.09 9.88
C PHE A 245 12.50 43.80 10.12
N THR A 246 11.44 43.25 9.55
CA THR A 246 10.10 43.81 9.69
C THR A 246 9.33 43.28 10.94
N ASN A 247 9.98 42.43 11.73
CA ASN A 247 9.33 41.52 12.67
C ASN A 247 7.92 41.06 12.20
N THR A 248 7.88 40.44 11.02
CA THR A 248 6.68 39.75 10.56
C THR A 248 6.95 38.24 10.45
N SER A 249 5.90 37.44 10.48
CA SER A 249 6.11 36.00 10.44
C SER A 249 4.98 35.25 9.80
N GLY A 250 5.18 33.95 9.60
CA GLY A 250 4.14 33.10 9.05
C GLY A 250 4.77 31.88 8.42
N PHE A 251 4.42 31.60 7.18
CA PHE A 251 4.88 30.42 6.47
C PHE A 251 5.45 30.74 5.09
N ALA A 252 6.44 29.94 4.68
CA ALA A 252 7.01 30.05 3.32
C ALA A 252 6.04 29.54 2.28
N ASN A 253 5.75 30.37 1.28
CA ASN A 253 4.87 29.87 0.20
C ASN A 253 5.33 28.56 -0.41
N LYS A 254 6.63 28.43 -0.62
CA LYS A 254 7.21 27.16 -1.08
C LYS A 254 8.57 26.99 -0.44
N THR A 255 9.03 25.73 -0.27
CA THR A 255 10.46 25.54 0.00
C THR A 255 10.92 24.33 -0.74
N GLN A 256 12.23 24.22 -0.98
CA GLN A 256 12.81 23.00 -1.54
C GLN A 256 14.00 22.66 -0.66
N ASP A 257 14.14 21.39 -0.31
CA ASP A 257 14.96 21.00 0.84
C ASP A 257 15.77 19.81 0.44
N VAL A 258 17.03 19.82 0.84
CA VAL A 258 17.85 18.70 0.59
C VAL A 258 18.69 18.47 1.82
N LEU A 259 18.94 17.19 2.13
CA LEU A 259 19.71 16.79 3.30
C LEU A 259 20.51 15.57 2.97
N LEU A 260 21.82 15.64 3.23
CA LEU A 260 22.66 14.50 2.95
C LEU A 260 23.44 14.19 4.20
N VAL A 261 23.70 12.91 4.44
CA VAL A 261 24.52 12.52 5.60
C VAL A 261 25.36 11.33 5.29
N ALA A 262 26.59 11.31 5.84
CA ALA A 262 27.40 10.10 5.79
C ALA A 262 28.10 9.90 7.08
N GLN A 263 28.06 8.66 7.60
CA GLN A 263 28.64 8.32 8.86
C GLN A 263 29.26 6.97 8.75
N TYR A 264 30.19 6.71 9.66
CA TYR A 264 30.83 5.39 9.80
C TYR A 264 30.93 5.03 11.26
N GLN A 265 30.65 3.79 11.63
CA GLN A 265 30.69 3.37 13.01
C GLN A 265 31.88 2.42 13.23
N PHE A 266 32.90 2.89 13.96
CA PHE A 266 34.08 2.06 14.15
C PHE A 266 33.78 1.19 15.29
N ASP A 267 34.33 -0.02 15.28
CA ASP A 267 34.05 -0.94 16.38
C ASP A 267 34.51 -0.40 17.74
N PHE A 268 35.60 0.36 17.78
CA PHE A 268 36.05 0.93 19.04
C PHE A 268 35.08 2.06 19.57
N GLY A 269 34.01 2.38 18.86
CA GLY A 269 33.01 3.34 19.38
C GLY A 269 32.91 4.73 18.82
N LEU A 270 33.93 5.18 18.09
CA LEU A 270 33.85 6.44 17.39
C LEU A 270 32.91 6.35 16.19
N ARG A 271 32.05 7.39 16.02
CA ARG A 271 31.17 7.45 14.88
C ARG A 271 31.24 8.85 14.25
N PRO A 272 32.20 9.05 13.31
CA PRO A 272 32.26 10.33 12.63
C PRO A 272 31.10 10.56 11.69
N SER A 273 30.84 11.85 11.46
CA SER A 273 29.73 12.23 10.69
C SER A 273 30.09 13.46 9.85
N ILE A 274 29.63 13.46 8.60
CA ILE A 274 29.59 14.66 7.82
C ILE A 274 28.24 14.83 7.15
N ALA A 275 27.87 16.06 6.80
CA ALA A 275 26.52 16.22 6.31
C ALA A 275 26.42 17.54 5.54
N TYR A 276 25.38 17.64 4.73
CA TYR A 276 25.04 18.90 4.07
C TYR A 276 23.57 19.09 4.17
N THR A 277 23.09 20.31 4.39
CA THR A 277 21.68 20.58 4.45
C THR A 277 21.44 21.95 3.80
N LYS A 278 20.45 22.04 2.92
CA LYS A 278 20.02 23.32 2.41
C LYS A 278 18.53 23.34 2.27
N SER A 279 17.91 24.40 2.79
CA SER A 279 16.50 24.57 2.62
C SER A 279 16.25 25.98 2.05
N LYS A 280 15.62 26.07 0.88
CA LYS A 280 15.44 27.40 0.30
C LYS A 280 13.97 27.72 0.17
N ALA A 281 13.58 28.91 0.60
CA ALA A 281 12.23 29.41 0.50
C ALA A 281 12.07 30.14 -0.86
N LYS A 282 10.87 30.07 -1.43
CA LYS A 282 10.58 30.74 -2.71
C LYS A 282 9.28 31.45 -2.56
N ASP A 283 9.12 32.51 -3.37
CA ASP A 283 7.89 33.32 -3.39
C ASP A 283 7.50 33.87 -2.01
N VAL A 284 8.49 34.23 -1.22
CA VAL A 284 8.24 34.84 0.11
C VAL A 284 7.80 36.29 -0.08
N GLU A 285 6.65 36.65 0.48
CA GLU A 285 6.12 38.01 0.22
C GLU A 285 7.07 39.14 0.59
N GLY A 286 7.46 39.89 -0.44
CA GLY A 286 8.34 41.06 -0.29
C GLY A 286 9.80 40.68 -0.38
N ILE A 287 10.10 39.41 -0.70
CA ILE A 287 11.49 38.94 -0.85
C ILE A 287 11.78 38.04 -2.07
N GLY A 288 10.90 37.11 -2.39
CA GLY A 288 11.20 36.18 -3.47
C GLY A 288 11.92 34.97 -2.90
N ASP A 289 13.05 34.58 -3.50
CA ASP A 289 13.86 33.46 -2.99
C ASP A 289 14.79 33.87 -1.84
N VAL A 290 14.99 32.94 -0.90
CA VAL A 290 15.81 33.21 0.25
C VAL A 290 16.14 31.91 0.99
N ASP A 291 17.43 31.71 1.32
CA ASP A 291 17.86 30.52 1.99
C ASP A 291 17.37 30.53 3.46
N LEU A 292 17.00 29.34 3.94
CA LEU A 292 16.56 29.15 5.31
C LEU A 292 17.63 28.50 6.10
N VAL A 293 18.25 27.50 5.48
CA VAL A 293 19.27 26.66 6.10
C VAL A 293 20.23 26.30 4.99
N ASN A 294 21.51 26.37 5.30
CA ASN A 294 22.54 26.05 4.32
C ASN A 294 23.82 25.90 5.05
N TYR A 295 24.29 24.65 5.22
CA TYR A 295 25.47 24.44 6.02
C TYR A 295 26.12 23.14 5.65
N PHE A 296 27.41 23.00 6.00
CA PHE A 296 27.99 21.70 6.08
C PHE A 296 28.20 21.35 7.52
N GLU A 297 28.34 20.05 7.82
CA GLU A 297 28.48 19.57 9.22
C GLU A 297 29.62 18.61 9.26
N VAL A 298 30.48 18.70 10.29
CA VAL A 298 31.45 17.68 10.60
C VAL A 298 31.30 17.41 12.10
N GLY A 299 31.28 16.13 12.51
CA GLY A 299 31.13 15.86 13.92
C GLY A 299 31.49 14.45 14.23
N ALA A 300 31.41 14.08 15.50
CA ALA A 300 31.60 12.67 15.90
C ALA A 300 30.90 12.45 17.24
N THR A 301 30.50 11.21 17.45
CA THR A 301 30.03 10.76 18.73
C THR A 301 30.98 9.63 19.07
N TYR A 302 31.34 9.53 20.33
CA TYR A 302 32.11 8.41 20.83
C TYR A 302 31.22 7.64 21.81
N TYR A 303 30.87 6.39 21.50
CA TYR A 303 30.04 5.60 22.38
C TYR A 303 30.89 4.79 23.29
N PHE A 304 30.81 5.05 24.59
CA PHE A 304 31.56 4.16 25.49
C PHE A 304 30.87 2.85 25.61
N ASN A 305 29.53 2.84 25.67
CA ASN A 305 28.72 1.64 25.65
C ASN A 305 27.32 2.13 25.40
N LYS A 306 26.33 1.27 25.67
CA LYS A 306 24.95 1.61 25.38
C LYS A 306 24.37 2.71 26.29
N ASN A 307 25.03 3.01 27.39
CA ASN A 307 24.53 4.00 28.35
C ASN A 307 25.29 5.29 28.36
N MET A 308 26.52 5.28 27.79
CA MET A 308 27.37 6.53 27.89
C MET A 308 27.96 6.93 26.59
N SER A 309 27.87 8.24 26.25
CA SER A 309 28.53 8.74 25.05
C SER A 309 28.97 10.21 25.20
N THR A 310 29.86 10.66 24.33
CA THR A 310 30.15 12.06 24.25
C THR A 310 30.19 12.49 22.80
N TYR A 311 29.97 13.76 22.50
CA TYR A 311 30.10 14.13 21.10
C TYR A 311 30.49 15.57 20.89
N VAL A 312 30.93 15.86 19.66
CA VAL A 312 31.14 17.25 19.20
C VAL A 312 30.44 17.39 17.83
N ASP A 313 29.78 18.53 17.59
CA ASP A 313 29.10 18.73 16.32
C ASP A 313 29.38 20.15 15.89
N TYR A 314 29.96 20.32 14.69
CA TYR A 314 30.36 21.63 14.17
C TYR A 314 29.59 21.95 12.88
N ILE A 315 28.88 23.09 12.90
CA ILE A 315 28.02 23.53 11.81
C ILE A 315 28.75 24.66 11.11
N ILE A 316 29.30 24.34 9.94
CA ILE A 316 29.97 25.37 9.15
C ILE A 316 28.87 26.03 8.37
N ASN A 317 28.42 27.18 8.89
CA ASN A 317 27.20 27.80 8.42
C ASN A 317 27.37 28.57 7.10
N GLN A 318 26.65 28.21 6.03
CA GLN A 318 26.88 28.92 4.75
C GLN A 318 25.86 29.99 4.48
N ILE A 319 24.92 30.22 5.39
CA ILE A 319 24.08 31.37 5.26
C ILE A 319 25.00 32.64 5.22
N ASP A 320 24.84 33.55 4.26
CA ASP A 320 25.63 34.84 4.27
C ASP A 320 25.01 35.87 5.18
N SER A 321 25.82 36.88 5.57
CA SER A 321 25.41 37.97 6.48
C SER A 321 24.36 38.95 5.96
N ASP A 322 24.13 38.97 4.67
CA ASP A 322 23.04 39.81 4.12
C ASP A 322 21.78 38.98 3.80
N ASN A 323 21.66 37.77 4.38
CA ASN A 323 20.43 36.96 4.20
C ASN A 323 19.21 37.87 4.40
N LYS A 324 18.27 37.83 3.47
CA LYS A 324 17.16 38.82 3.43
C LYS A 324 16.11 38.69 4.53
N LEU A 325 16.07 37.54 5.21
CA LEU A 325 15.13 37.34 6.35
C LEU A 325 15.79 37.52 7.72
N GLY A 326 17.10 37.72 7.71
CA GLY A 326 17.82 37.85 8.97
C GLY A 326 18.28 36.53 9.57
N VAL A 327 18.09 35.42 8.87
CA VAL A 327 18.68 34.13 9.29
C VAL A 327 20.17 34.26 9.70
N GLY A 328 20.50 33.81 10.92
CA GLY A 328 21.88 33.77 11.40
C GLY A 328 22.95 33.13 10.49
N SER A 329 24.09 33.83 10.35
CA SER A 329 25.17 33.40 9.47
C SER A 329 26.37 32.79 10.14
N ASP A 330 26.48 32.88 11.45
CA ASP A 330 27.70 32.38 12.11
C ASP A 330 27.61 30.88 12.42
N ASP A 331 28.78 30.30 12.56
CA ASP A 331 28.97 28.89 12.86
C ASP A 331 28.54 28.51 14.30
N THR A 332 28.38 27.21 14.60
CA THR A 332 28.09 26.87 15.97
C THR A 332 28.78 25.55 16.19
N VAL A 333 29.41 25.36 17.33
CA VAL A 333 29.93 24.03 17.70
C VAL A 333 29.21 23.62 19.00
N ALA A 334 28.79 22.33 19.10
CA ALA A 334 28.21 21.82 20.35
C ALA A 334 29.10 20.75 20.90
N VAL A 335 29.16 20.65 22.23
CA VAL A 335 29.88 19.59 22.91
C VAL A 335 28.94 19.00 23.93
N GLY A 336 28.78 17.66 23.97
CA GLY A 336 27.77 17.02 24.83
C GLY A 336 28.39 15.80 25.55
N ILE A 337 27.85 15.49 26.71
CA ILE A 337 28.18 14.27 27.43
C ILE A 337 26.77 13.67 27.83
N VAL A 338 26.58 12.37 27.64
CA VAL A 338 25.21 11.86 27.70
C VAL A 338 25.21 10.62 28.52
N TYR A 339 24.38 10.57 29.55
CA TYR A 339 24.17 9.31 30.27
C TYR A 339 22.72 8.98 29.93
N GLN A 340 22.46 7.76 29.46
CA GLN A 340 21.04 7.42 29.10
C GLN A 340 20.73 6.00 29.55
N PHE A 341 19.43 5.71 29.81
CA PHE A 341 19.04 4.39 30.32
C PHE A 341 17.66 4.05 29.75
N GLY B 9 -31.75 7.78 0.35
CA GLY B 9 -30.81 7.79 -0.77
C GLY B 9 -30.29 6.37 -1.02
N ASN B 10 -31.18 5.42 -1.35
CA ASN B 10 -30.77 4.07 -1.81
C ASN B 10 -30.90 3.92 -3.33
N LYS B 11 -29.95 3.26 -4.01
CA LYS B 11 -30.17 2.94 -5.42
C LYS B 11 -29.94 1.41 -5.55
N VAL B 12 -30.95 0.66 -6.05
CA VAL B 12 -30.79 -0.79 -6.25
C VAL B 12 -31.18 -1.09 -7.68
N ASP B 13 -30.39 -1.89 -8.36
CA ASP B 13 -30.64 -2.33 -9.71
C ASP B 13 -30.85 -3.86 -9.58
N LEU B 14 -32.01 -4.34 -10.06
CA LEU B 14 -32.14 -5.67 -10.48
C LEU B 14 -31.51 -5.80 -11.88
N TYR B 15 -30.75 -6.85 -12.11
CA TYR B 15 -30.09 -6.94 -13.44
C TYR B 15 -30.05 -8.39 -13.90
N GLY B 16 -29.79 -8.65 -15.19
CA GLY B 16 -29.78 -10.08 -15.57
C GLY B 16 -29.44 -10.15 -17.05
N LYS B 17 -29.33 -11.39 -17.56
CA LYS B 17 -29.26 -11.58 -18.99
C LYS B 17 -29.82 -12.93 -19.36
N ALA B 18 -30.23 -13.05 -20.62
CA ALA B 18 -30.65 -14.33 -21.16
C ALA B 18 -29.66 -14.59 -22.24
N VAL B 19 -28.99 -15.79 -22.22
CA VAL B 19 -27.92 -16.02 -23.21
C VAL B 19 -28.21 -17.31 -23.96
N GLY B 20 -28.65 -17.19 -25.21
CA GLY B 20 -28.83 -18.36 -26.12
C GLY B 20 -27.41 -18.68 -26.54
N LEU B 21 -26.98 -19.92 -26.30
CA LEU B 21 -25.58 -20.20 -26.51
C LEU B 21 -25.44 -21.66 -26.97
N HIS B 22 -24.63 -21.87 -28.04
CA HIS B 22 -24.43 -23.24 -28.57
C HIS B 22 -22.93 -23.45 -28.83
N TYR B 23 -22.41 -24.62 -28.45
CA TYR B 23 -21.01 -25.00 -28.73
C TYR B 23 -20.93 -26.11 -29.79
N PHE B 24 -20.04 -25.89 -30.74
CA PHE B 24 -19.75 -26.84 -31.83
C PHE B 24 -18.37 -27.41 -31.64
N SER B 25 -18.30 -28.71 -31.37
CA SER B 25 -17.05 -29.41 -31.30
C SER B 25 -17.26 -30.75 -31.96
N LYS B 26 -16.16 -31.34 -32.45
CA LYS B 26 -16.30 -32.50 -33.33
C LYS B 26 -16.76 -33.66 -32.46
N GLY B 27 -17.62 -34.52 -33.04
CA GLY B 27 -18.20 -35.69 -32.35
C GLY B 27 -18.81 -35.40 -31.01
N ASN B 28 -18.13 -35.87 -29.97
CA ASN B 28 -18.58 -35.87 -28.56
C ASN B 28 -18.98 -34.47 -27.90
N GLY B 29 -18.21 -33.39 -27.96
CA GLY B 29 -16.78 -33.30 -27.85
C GLY B 29 -16.31 -33.57 -26.43
N GLU B 30 -16.37 -34.84 -26.06
CA GLU B 30 -15.77 -35.35 -24.83
C GLU B 30 -14.25 -35.14 -24.80
N ASN B 31 -13.62 -34.98 -25.96
CA ASN B 31 -12.19 -34.70 -26.10
C ASN B 31 -11.96 -33.26 -26.67
N SER B 32 -12.90 -32.34 -26.40
CA SER B 32 -12.72 -30.94 -26.86
C SER B 32 -12.43 -29.93 -25.78
N TYR B 33 -12.01 -28.74 -26.18
CA TYR B 33 -11.80 -27.65 -25.23
C TYR B 33 -13.06 -27.38 -24.42
N GLY B 34 -14.18 -27.23 -25.10
CA GLY B 34 -15.35 -26.61 -24.45
C GLY B 34 -16.56 -27.50 -24.33
N GLY B 35 -16.55 -28.64 -25.03
CA GLY B 35 -17.76 -29.50 -25.15
C GLY B 35 -18.59 -29.20 -26.38
N ASN B 36 -19.85 -29.65 -26.37
CA ASN B 36 -20.64 -29.56 -27.57
C ASN B 36 -22.11 -29.52 -27.15
N GLY B 37 -22.94 -28.77 -27.85
CA GLY B 37 -24.36 -28.83 -27.53
C GLY B 37 -24.87 -27.46 -27.07
N ASP B 38 -26.12 -27.46 -26.69
CA ASP B 38 -26.77 -26.27 -26.07
C ASP B 38 -26.09 -25.94 -24.71
N MET B 39 -25.75 -24.66 -24.54
CA MET B 39 -25.08 -24.17 -23.33
C MET B 39 -25.81 -22.88 -22.88
N THR B 40 -27.04 -22.70 -23.35
CA THR B 40 -27.95 -21.59 -22.92
C THR B 40 -28.03 -21.43 -21.40
N TYR B 41 -28.04 -20.18 -20.89
CA TYR B 41 -28.20 -19.95 -19.48
C TYR B 41 -28.73 -18.49 -19.32
N ALA B 42 -29.11 -18.18 -18.08
CA ALA B 42 -29.64 -16.82 -17.70
C ALA B 42 -28.86 -16.48 -16.38
N ARG B 43 -28.73 -15.19 -16.13
CA ARG B 43 -28.25 -14.67 -14.85
C ARG B 43 -29.30 -13.71 -14.28
N LEU B 44 -29.41 -13.67 -12.95
CA LEU B 44 -30.30 -12.72 -12.24
C LEU B 44 -29.47 -12.22 -11.04
N GLY B 45 -29.54 -10.92 -10.76
CA GLY B 45 -28.78 -10.39 -9.61
C GLY B 45 -29.41 -9.08 -9.13
N PHE B 46 -28.96 -8.64 -7.96
CA PHE B 46 -29.24 -7.26 -7.58
C PHE B 46 -27.95 -6.64 -7.14
N LYS B 47 -27.84 -5.30 -7.29
CA LYS B 47 -26.72 -4.60 -6.76
C LYS B 47 -27.20 -3.28 -6.27
N GLY B 48 -26.84 -3.00 -5.03
CA GLY B 48 -27.46 -1.91 -4.33
C GLY B 48 -26.43 -1.06 -3.60
N GLU B 49 -26.69 0.25 -3.52
CA GLU B 49 -25.82 1.08 -2.70
C GLU B 49 -26.63 2.19 -2.07
N THR B 50 -26.37 2.42 -0.79
CA THR B 50 -27.11 3.46 -0.08
C THR B 50 -26.10 4.53 0.44
N GLN B 51 -26.42 5.82 0.21
CA GLN B 51 -25.60 6.89 0.77
C GLN B 51 -26.04 7.14 2.20
N ILE B 52 -25.23 6.74 3.16
CA ILE B 52 -25.55 6.86 4.60
C ILE B 52 -25.30 8.31 5.03
N ASN B 53 -24.11 8.82 4.70
CA ASN B 53 -23.84 10.26 4.84
C ASN B 53 -22.90 10.64 3.72
N SER B 54 -22.43 11.89 3.71
CA SER B 54 -21.68 12.40 2.56
C SER B 54 -20.42 11.58 2.32
N ASP B 55 -19.91 10.96 3.37
CA ASP B 55 -18.65 10.22 3.31
C ASP B 55 -18.83 8.66 3.41
N LEU B 56 -20.03 8.16 3.70
CA LEU B 56 -20.16 6.72 4.00
C LEU B 56 -21.24 6.13 3.11
N THR B 57 -20.93 4.99 2.47
CA THR B 57 -21.89 4.30 1.62
C THR B 57 -21.96 2.79 2.09
N GLY B 58 -23.18 2.20 2.09
CA GLY B 58 -23.35 0.77 2.32
C GLY B 58 -23.69 0.14 0.96
N TYR B 59 -23.34 -1.15 0.76
CA TYR B 59 -23.68 -1.73 -0.53
C TYR B 59 -23.83 -3.23 -0.36
N GLY B 60 -24.48 -3.87 -1.34
CA GLY B 60 -24.68 -5.36 -1.25
C GLY B 60 -24.90 -5.83 -2.70
N GLN B 61 -24.56 -7.09 -2.94
CA GLN B 61 -24.79 -7.61 -4.27
C GLN B 61 -25.05 -9.13 -4.16
N TRP B 62 -25.92 -9.62 -5.04
CA TRP B 62 -26.24 -11.07 -5.12
C TRP B 62 -26.42 -11.36 -6.62
N GLU B 63 -25.84 -12.45 -7.11
CA GLU B 63 -25.92 -12.86 -8.48
C GLU B 63 -26.09 -14.37 -8.51
N TYR B 64 -26.94 -14.82 -9.42
CA TYR B 64 -27.23 -16.26 -9.51
C TYR B 64 -27.15 -16.68 -10.97
N ASN B 65 -26.71 -17.93 -11.20
CA ASN B 65 -26.68 -18.54 -12.52
C ASN B 65 -27.79 -19.64 -12.64
N PHE B 66 -28.65 -19.53 -13.64
CA PHE B 66 -29.71 -20.51 -13.91
C PHE B 66 -29.36 -21.13 -15.26
N GLN B 67 -29.02 -22.42 -15.32
CA GLN B 67 -28.78 -23.04 -16.66
C GLN B 67 -30.10 -23.11 -17.41
N GLY B 68 -30.02 -23.02 -18.72
CA GLY B 68 -31.14 -22.95 -19.59
C GLY B 68 -31.06 -24.20 -20.46
N ASN B 69 -30.11 -25.08 -20.16
CA ASN B 69 -29.90 -26.30 -20.97
C ASN B 69 -30.21 -27.63 -20.23
N ASN B 70 -30.98 -27.52 -19.16
CA ASN B 70 -31.46 -28.65 -18.46
C ASN B 70 -32.90 -28.92 -18.83
N SER B 71 -33.35 -30.16 -18.56
CA SER B 71 -34.74 -30.47 -18.74
C SER B 71 -35.57 -29.98 -17.51
N GLU B 72 -36.90 -30.09 -17.55
CA GLU B 72 -37.68 -29.78 -16.36
C GLU B 72 -37.85 -30.97 -15.41
N GLY B 73 -37.17 -32.11 -15.67
CA GLY B 73 -37.22 -33.21 -14.74
C GLY B 73 -36.10 -33.21 -13.72
N ALA B 74 -35.52 -34.39 -13.46
CA ALA B 74 -34.65 -34.48 -12.28
C ALA B 74 -33.32 -33.75 -12.40
N ASP B 75 -32.85 -33.49 -13.63
CA ASP B 75 -31.60 -32.85 -13.83
C ASP B 75 -31.85 -31.28 -13.81
N ALA B 76 -33.04 -30.86 -13.46
CA ALA B 76 -33.35 -29.37 -13.59
C ALA B 76 -32.35 -28.43 -12.90
N GLN B 77 -31.68 -28.88 -11.82
CA GLN B 77 -30.80 -27.97 -11.08
C GLN B 77 -29.33 -28.03 -11.48
N THR B 78 -28.97 -28.87 -12.44
CA THR B 78 -27.53 -29.01 -12.76
C THR B 78 -26.91 -27.67 -13.15
N GLY B 79 -25.83 -27.25 -12.44
CA GLY B 79 -25.02 -26.06 -12.86
C GLY B 79 -25.67 -24.76 -12.33
N ASN B 80 -26.73 -24.86 -11.50
CA ASN B 80 -27.38 -23.64 -10.90
C ASN B 80 -26.67 -23.34 -9.63
N LYS B 81 -26.43 -22.05 -9.40
CA LYS B 81 -25.64 -21.67 -8.23
C LYS B 81 -25.67 -20.16 -8.01
N THR B 82 -25.49 -19.79 -6.75
CA THR B 82 -25.16 -18.42 -6.46
C THR B 82 -23.66 -18.17 -6.84
N ARG B 83 -23.40 -17.09 -7.57
CA ARG B 83 -22.06 -16.72 -7.96
C ARG B 83 -21.46 -15.76 -6.94
N LEU B 84 -22.30 -14.74 -6.55
CA LEU B 84 -21.85 -13.66 -5.59
C LEU B 84 -22.89 -13.42 -4.52
N ALA B 85 -22.44 -13.06 -3.30
CA ALA B 85 -23.39 -12.74 -2.23
C ALA B 85 -22.58 -12.05 -1.15
N PHE B 86 -22.58 -10.71 -1.13
CA PHE B 86 -21.75 -10.03 -0.17
C PHE B 86 -22.36 -8.67 0.19
N ALA B 87 -21.88 -8.10 1.32
CA ALA B 87 -22.30 -6.70 1.65
C ALA B 87 -21.08 -6.03 2.31
N GLY B 88 -21.08 -4.69 2.32
CA GLY B 88 -19.91 -4.00 2.68
C GLY B 88 -20.21 -2.53 2.98
N LEU B 89 -19.16 -1.82 3.40
CA LEU B 89 -19.20 -0.34 3.67
C LEU B 89 -18.01 0.34 3.02
N LYS B 90 -18.19 1.58 2.57
CA LYS B 90 -17.12 2.24 1.88
C LYS B 90 -17.05 3.63 2.51
N TYR B 91 -15.88 3.96 3.07
CA TYR B 91 -15.72 5.22 3.82
C TYR B 91 -14.73 6.21 3.15
N ALA B 92 -15.26 7.40 2.85
CA ALA B 92 -14.66 8.54 2.13
C ALA B 92 -13.46 8.10 1.36
N ASP B 93 -12.27 8.30 1.91
CA ASP B 93 -11.03 7.90 1.22
C ASP B 93 -10.32 6.71 1.93
N VAL B 94 -10.87 6.27 3.07
CA VAL B 94 -10.27 5.32 3.97
C VAL B 94 -10.26 3.89 3.38
N GLY B 95 -11.32 3.56 2.63
CA GLY B 95 -11.36 2.32 1.87
C GLY B 95 -12.73 1.66 1.97
N SER B 96 -12.79 0.44 1.44
CA SER B 96 -14.06 -0.30 1.48
C SER B 96 -13.81 -1.61 2.14
N PHE B 97 -14.85 -2.19 2.78
N PHE B 97 -14.87 -2.24 2.70
CA PHE B 97 -14.69 -3.51 3.37
CA PHE B 97 -14.71 -3.48 3.48
C PHE B 97 -15.96 -4.19 2.99
C PHE B 97 -15.93 -4.39 3.33
N ASP B 98 -15.85 -5.45 2.53
CA ASP B 98 -16.99 -6.32 2.33
C ASP B 98 -16.67 -7.78 2.76
N TYR B 99 -17.71 -8.52 3.06
CA TYR B 99 -17.59 -9.93 3.44
C TYR B 99 -18.68 -10.76 2.77
N GLY B 100 -18.36 -11.99 2.34
CA GLY B 100 -19.35 -12.88 1.74
C GLY B 100 -18.68 -13.70 0.65
N ARG B 101 -19.46 -14.08 -0.37
CA ARG B 101 -18.97 -14.79 -1.58
C ARG B 101 -18.62 -13.75 -2.68
N ASN B 102 -17.31 -13.65 -3.00
CA ASN B 102 -16.83 -12.62 -3.87
C ASN B 102 -15.62 -13.10 -4.65
N TYR B 103 -15.14 -12.24 -5.51
CA TYR B 103 -13.93 -12.60 -6.31
C TYR B 103 -12.70 -12.63 -5.42
N GLY B 104 -12.03 -13.77 -5.44
CA GLY B 104 -10.65 -13.87 -4.91
C GLY B 104 -9.72 -12.72 -5.41
N VAL B 105 -8.83 -12.23 -4.57
CA VAL B 105 -8.04 -11.04 -4.84
C VAL B 105 -6.99 -11.23 -5.96
N VAL B 106 -6.56 -12.48 -6.17
CA VAL B 106 -5.69 -12.71 -7.36
C VAL B 106 -6.46 -12.44 -8.68
N TYR B 107 -7.80 -12.60 -8.68
CA TYR B 107 -8.57 -12.14 -9.83
C TYR B 107 -8.35 -10.63 -10.11
N ASP B 108 -7.78 -9.86 -9.19
CA ASP B 108 -7.55 -8.42 -9.52
C ASP B 108 -6.49 -8.37 -10.61
N ALA B 109 -5.63 -9.39 -10.69
CA ALA B 109 -4.69 -9.47 -11.86
C ALA B 109 -5.32 -10.22 -12.98
N LEU B 110 -5.87 -11.42 -12.73
CA LEU B 110 -6.37 -12.24 -13.85
C LEU B 110 -7.51 -11.59 -14.61
N GLY B 111 -8.23 -10.65 -13.99
CA GLY B 111 -9.31 -9.96 -14.74
C GLY B 111 -8.79 -9.26 -16.00
N TYR B 112 -7.48 -8.98 -16.07
CA TYR B 112 -6.93 -8.28 -17.20
C TYR B 112 -7.16 -8.95 -18.53
N THR B 113 -6.97 -10.27 -18.56
CA THR B 113 -7.16 -11.06 -19.77
C THR B 113 -8.46 -11.85 -19.82
N ASP B 114 -9.26 -11.79 -18.74
CA ASP B 114 -10.56 -12.50 -18.74
C ASP B 114 -11.56 -11.63 -19.49
N MET B 115 -11.39 -11.51 -20.82
CA MET B 115 -12.07 -10.50 -21.64
C MET B 115 -12.62 -11.10 -22.96
N LEU B 116 -12.59 -12.42 -23.12
CA LEU B 116 -12.97 -12.97 -24.43
C LEU B 116 -14.50 -13.03 -24.61
N PRO B 117 -14.97 -13.15 -25.85
CA PRO B 117 -16.45 -13.20 -26.08
C PRO B 117 -17.09 -14.35 -25.26
N GLU B 118 -16.48 -15.52 -25.22
CA GLU B 118 -17.07 -16.63 -24.41
C GLU B 118 -16.08 -17.37 -23.53
N PHE B 119 -14.91 -17.68 -24.06
CA PHE B 119 -14.04 -18.61 -23.33
C PHE B 119 -12.99 -17.71 -22.54
N GLY B 120 -11.70 -18.10 -22.46
CA GLY B 120 -10.72 -17.23 -21.82
C GLY B 120 -10.81 -17.32 -20.30
N GLY B 121 -9.91 -16.62 -19.59
CA GLY B 121 -9.92 -16.61 -18.12
C GLY B 121 -9.73 -18.02 -17.52
N ASP B 122 -8.94 -18.87 -18.19
CA ASP B 122 -8.91 -20.34 -17.84
C ASP B 122 -8.35 -20.61 -16.47
N THR B 123 -7.46 -19.75 -16.02
CA THR B 123 -6.86 -19.98 -14.68
C THR B 123 -7.62 -19.36 -13.47
N ALA B 124 -8.71 -18.63 -13.77
CA ALA B 124 -9.52 -18.00 -12.74
C ALA B 124 -10.63 -18.99 -12.28
N TYR B 125 -10.23 -20.14 -11.72
CA TYR B 125 -11.12 -21.20 -11.30
C TYR B 125 -11.97 -20.76 -10.14
N SER B 126 -13.24 -21.16 -10.17
CA SER B 126 -14.10 -20.98 -9.00
C SER B 126 -13.73 -21.86 -7.84
N ASP B 127 -13.97 -21.35 -6.62
CA ASP B 127 -13.75 -22.10 -5.34
C ASP B 127 -12.35 -22.67 -5.41
N ASP B 128 -11.44 -21.77 -5.72
CA ASP B 128 -10.04 -22.14 -5.83
C ASP B 128 -9.13 -21.12 -5.17
N PHE B 129 -9.20 -20.99 -3.85
CA PHE B 129 -8.43 -20.10 -3.11
C PHE B 129 -8.65 -18.69 -3.63
N PHE B 130 -7.64 -18.03 -4.24
CA PHE B 130 -7.73 -16.54 -4.51
C PHE B 130 -8.01 -16.11 -5.96
N VAL B 131 -8.07 -17.10 -6.83
CA VAL B 131 -8.14 -16.87 -8.32
C VAL B 131 -9.55 -16.62 -8.93
N GLY B 132 -10.60 -17.01 -8.21
CA GLY B 132 -11.96 -16.88 -8.83
C GLY B 132 -12.94 -16.64 -7.70
N ARG B 133 -14.22 -16.83 -7.96
CA ARG B 133 -15.17 -16.53 -6.87
C ARG B 133 -15.01 -17.57 -5.78
N VAL B 134 -15.23 -17.18 -4.53
CA VAL B 134 -14.99 -18.04 -3.44
C VAL B 134 -15.78 -17.59 -2.24
N GLY B 135 -16.12 -18.54 -1.39
CA GLY B 135 -16.89 -18.29 -0.17
C GLY B 135 -16.09 -17.87 1.03
N GLY B 136 -16.66 -16.91 1.78
CA GLY B 136 -16.13 -16.55 3.06
C GLY B 136 -14.87 -15.69 2.94
N VAL B 137 -14.89 -14.63 2.12
CA VAL B 137 -13.76 -13.68 2.00
C VAL B 137 -14.11 -12.32 2.55
N ALA B 138 -13.22 -11.82 3.42
CA ALA B 138 -13.27 -10.49 3.91
C ALA B 138 -12.27 -9.66 3.13
N THR B 139 -12.72 -8.62 2.39
CA THR B 139 -11.87 -7.95 1.46
C THR B 139 -11.90 -6.46 1.77
N TYR B 140 -10.71 -5.92 1.98
CA TYR B 140 -10.47 -4.48 2.11
C TYR B 140 -9.81 -3.92 0.86
N ARG B 141 -10.29 -2.77 0.32
CA ARG B 141 -9.74 -2.23 -0.92
C ARG B 141 -9.58 -0.73 -0.72
N ASN B 142 -8.54 -0.17 -1.34
CA ASN B 142 -8.18 1.20 -1.16
C ASN B 142 -7.96 1.81 -2.56
N SER B 143 -8.57 2.93 -2.85
CA SER B 143 -8.39 3.58 -4.12
C SER B 143 -7.51 4.82 -3.96
N ASN B 144 -6.58 5.01 -4.91
CA ASN B 144 -5.70 6.19 -4.97
C ASN B 144 -4.94 6.43 -3.64
N PHE B 145 -4.50 5.36 -2.96
CA PHE B 145 -3.74 5.42 -1.70
C PHE B 145 -4.28 6.44 -0.74
N PHE B 146 -5.48 6.15 -0.23
CA PHE B 146 -6.13 7.01 0.73
C PHE B 146 -6.41 8.38 0.13
N GLY B 147 -6.52 8.50 -1.19
CA GLY B 147 -6.75 9.85 -1.81
C GLY B 147 -5.48 10.64 -2.05
N LEU B 148 -4.31 10.03 -1.79
CA LEU B 148 -3.04 10.74 -1.89
C LEU B 148 -2.25 10.43 -3.14
N VAL B 149 -2.49 9.27 -3.77
CA VAL B 149 -1.71 8.90 -4.97
C VAL B 149 -2.70 8.47 -6.07
N ASP B 150 -3.02 9.38 -6.96
CA ASP B 150 -3.99 9.10 -8.04
C ASP B 150 -3.50 7.90 -8.81
N GLY B 151 -4.33 6.90 -8.93
CA GLY B 151 -3.98 5.72 -9.82
C GLY B 151 -3.42 4.54 -9.07
N LEU B 152 -3.10 4.72 -7.79
CA LEU B 152 -2.43 3.62 -7.07
C LEU B 152 -3.45 2.99 -6.10
N ASN B 153 -3.76 1.69 -6.32
CA ASN B 153 -4.79 1.01 -5.55
C ASN B 153 -4.19 -0.24 -4.89
N PHE B 154 -4.74 -0.66 -3.75
CA PHE B 154 -4.34 -2.00 -3.20
C PHE B 154 -5.49 -2.70 -2.52
N ALA B 155 -5.27 -3.94 -2.10
CA ALA B 155 -6.30 -4.66 -1.45
C ALA B 155 -5.64 -5.78 -0.66
N VAL B 156 -6.32 -6.18 0.38
CA VAL B 156 -5.90 -7.36 1.12
C VAL B 156 -7.21 -8.13 1.37
N GLN B 157 -7.09 -9.44 1.41
CA GLN B 157 -8.23 -10.27 1.49
C GLN B 157 -7.96 -11.43 2.46
N TYR B 158 -8.88 -11.60 3.43
CA TYR B 158 -8.80 -12.74 4.37
C TYR B 158 -9.78 -13.81 3.97
N LEU B 159 -9.27 -15.02 3.71
CA LEU B 159 -10.06 -16.14 3.31
C LEU B 159 -10.22 -17.13 4.48
N GLY B 160 -11.48 -17.36 4.91
CA GLY B 160 -11.76 -18.28 5.99
C GLY B 160 -11.82 -19.70 5.49
N LYS B 161 -11.37 -20.65 6.32
CA LYS B 161 -11.41 -22.02 5.91
C LYS B 161 -12.86 -22.47 5.53
N ASN B 162 -12.95 -23.19 4.42
CA ASN B 162 -14.17 -23.91 3.95
C ASN B 162 -13.90 -25.41 3.80
N GLU B 163 -14.18 -26.18 4.86
CA GLU B 163 -13.95 -27.64 4.79
C GLU B 163 -15.20 -28.24 4.23
N ARG B 164 -15.21 -28.48 2.93
CA ARG B 164 -16.42 -28.90 2.24
C ARG B 164 -16.28 -30.40 1.98
N ASP B 165 -17.19 -30.97 1.22
CA ASP B 165 -17.23 -32.45 1.04
C ASP B 165 -16.30 -32.96 -0.06
N THR B 166 -15.76 -32.05 -0.85
CA THR B 166 -14.80 -32.40 -1.86
C THR B 166 -13.54 -31.54 -1.65
N ALA B 167 -12.40 -32.13 -1.96
CA ALA B 167 -11.13 -31.44 -1.98
C ALA B 167 -11.15 -30.30 -2.98
N ARG B 168 -11.79 -30.55 -4.13
CA ARG B 168 -11.75 -29.58 -5.21
C ARG B 168 -12.32 -28.17 -4.77
N ARG B 169 -13.36 -28.21 -3.94
CA ARG B 169 -14.10 -27.01 -3.54
C ARG B 169 -13.75 -26.52 -2.14
N SER B 170 -12.72 -27.14 -1.49
CA SER B 170 -12.31 -26.84 -0.09
C SER B 170 -11.15 -25.86 -0.05
N ASN B 171 -10.88 -25.27 1.13
CA ASN B 171 -9.67 -24.47 1.36
C ASN B 171 -9.44 -24.31 2.82
N GLY B 172 -8.19 -24.04 3.24
CA GLY B 172 -7.98 -23.59 4.61
C GLY B 172 -7.98 -22.07 4.73
N ASP B 173 -7.57 -21.55 5.89
CA ASP B 173 -7.42 -20.11 6.12
C ASP B 173 -6.29 -19.57 5.30
N GLY B 174 -6.43 -18.32 4.82
CA GLY B 174 -5.34 -17.76 4.07
C GLY B 174 -5.44 -16.25 3.97
N VAL B 175 -4.40 -15.64 3.42
CA VAL B 175 -4.37 -14.19 3.19
C VAL B 175 -3.82 -13.99 1.79
N GLY B 176 -4.34 -12.98 1.09
CA GLY B 176 -3.79 -12.53 -0.23
C GLY B 176 -3.97 -11.01 -0.35
N GLY B 177 -3.37 -10.38 -1.35
CA GLY B 177 -3.46 -8.90 -1.55
C GLY B 177 -3.05 -8.61 -2.99
N SER B 178 -3.20 -7.35 -3.40
CA SER B 178 -2.88 -7.00 -4.76
C SER B 178 -2.52 -5.52 -4.67
N ILE B 179 -1.72 -5.07 -5.63
CA ILE B 179 -1.39 -3.64 -5.76
C ILE B 179 -1.41 -3.34 -7.29
N SER B 180 -1.93 -2.18 -7.69
CA SER B 180 -2.01 -1.86 -9.11
C SER B 180 -1.81 -0.39 -9.23
N TYR B 181 -1.38 -0.02 -10.43
CA TYR B 181 -1.19 1.35 -10.73
C TYR B 181 -1.65 1.56 -12.19
N GLU B 182 -2.47 2.62 -12.39
CA GLU B 182 -3.00 2.98 -13.68
C GLU B 182 -2.71 4.44 -13.98
N TYR B 183 -2.35 4.66 -15.24
CA TYR B 183 -1.91 5.95 -15.67
C TYR B 183 -2.14 6.10 -17.18
N GLU B 184 -3.04 7.04 -17.53
CA GLU B 184 -3.41 7.40 -18.93
C GLU B 184 -3.49 6.18 -19.86
N GLY B 185 -4.40 5.26 -19.52
CA GLY B 185 -4.60 4.11 -20.37
C GLY B 185 -3.81 2.87 -20.05
N PHE B 186 -2.64 2.98 -19.42
CA PHE B 186 -1.84 1.79 -19.03
C PHE B 186 -2.19 1.33 -17.61
N GLY B 187 -1.99 0.04 -17.32
CA GLY B 187 -2.20 -0.47 -16.01
C GLY B 187 -1.19 -1.58 -15.78
N ILE B 188 -0.66 -1.67 -14.55
CA ILE B 188 0.13 -2.79 -14.09
C ILE B 188 -0.42 -3.28 -12.74
N VAL B 189 -0.37 -4.60 -12.50
CA VAL B 189 -0.92 -5.15 -11.27
C VAL B 189 -0.10 -6.35 -10.86
N GLY B 190 0.00 -6.58 -9.55
CA GLY B 190 0.48 -7.86 -9.01
C GLY B 190 -0.42 -8.31 -7.87
N ALA B 191 -0.62 -9.63 -7.70
CA ALA B 191 -1.48 -10.14 -6.67
C ALA B 191 -0.82 -11.45 -6.27
N TYR B 192 -0.96 -11.78 -4.99
CA TYR B 192 -0.39 -13.00 -4.42
C TYR B 192 -1.28 -13.45 -3.24
N GLY B 193 -1.59 -14.74 -3.10
CA GLY B 193 -2.16 -15.14 -1.82
C GLY B 193 -1.63 -16.54 -1.51
N ALA B 194 -1.75 -16.90 -0.24
CA ALA B 194 -1.32 -18.21 0.29
C ALA B 194 -2.33 -18.59 1.35
N ALA B 195 -2.61 -19.90 1.43
CA ALA B 195 -3.55 -20.48 2.37
C ALA B 195 -3.15 -21.90 2.76
N ASP B 196 -3.57 -22.36 3.95
CA ASP B 196 -3.44 -23.80 4.29
C ASP B 196 -4.33 -24.60 3.32
N ARG B 197 -3.90 -25.83 3.05
CA ARG B 197 -4.73 -26.85 2.42
C ARG B 197 -5.36 -27.69 3.53
N THR B 198 -6.49 -28.31 3.27
CA THR B 198 -7.23 -29.02 4.31
C THR B 198 -6.76 -30.49 4.25
N ASN B 199 -7.03 -31.27 5.31
CA ASN B 199 -6.63 -32.71 5.28
C ASN B 199 -7.16 -33.46 4.07
N LEU B 200 -8.43 -33.19 3.72
CA LEU B 200 -9.00 -33.81 2.55
C LEU B 200 -8.21 -33.49 1.27
N GLN B 201 -7.77 -32.26 1.10
CA GLN B 201 -6.99 -31.88 -0.08
C GLN B 201 -5.63 -32.58 -0.08
N GLU B 202 -5.06 -32.73 1.09
CA GLU B 202 -3.81 -33.45 1.23
C GLU B 202 -3.92 -34.93 0.89
N ALA B 203 -5.07 -35.54 1.17
CA ALA B 203 -5.26 -36.97 0.92
C ALA B 203 -5.44 -37.27 -0.58
N GLN B 204 -5.55 -36.24 -1.40
CA GLN B 204 -5.66 -36.46 -2.84
C GLN B 204 -4.34 -37.05 -3.38
N PRO B 205 -4.41 -37.99 -4.35
CA PRO B 205 -3.20 -38.55 -4.98
C PRO B 205 -2.33 -37.52 -5.71
N LEU B 206 -2.94 -36.50 -6.34
CA LEU B 206 -2.19 -35.43 -7.02
C LEU B 206 -2.01 -34.19 -6.17
N GLY B 207 -0.76 -33.75 -6.07
CA GLY B 207 -0.36 -32.57 -5.31
C GLY B 207 0.04 -32.88 -3.88
N ASN B 208 1.14 -32.31 -3.44
CA ASN B 208 1.67 -32.56 -2.12
C ASN B 208 2.19 -31.28 -1.49
N GLY B 209 1.73 -30.97 -0.29
CA GLY B 209 2.19 -29.78 0.43
C GLY B 209 1.14 -29.23 1.39
N LYS B 210 1.57 -28.52 2.44
CA LYS B 210 0.64 -27.93 3.41
C LYS B 210 0.06 -26.53 3.02
N LYS B 211 0.68 -25.84 2.08
CA LYS B 211 0.18 -24.51 1.66
C LYS B 211 -0.09 -24.45 0.17
N ALA B 212 -1.19 -23.81 -0.17
CA ALA B 212 -1.44 -23.32 -1.53
C ALA B 212 -0.95 -21.88 -1.77
N GLU B 213 -0.41 -21.61 -2.95
CA GLU B 213 0.00 -20.28 -3.34
C GLU B 213 -0.37 -19.97 -4.77
N GLN B 214 -0.67 -18.70 -5.03
CA GLN B 214 -1.08 -18.30 -6.37
C GLN B 214 -0.58 -16.92 -6.53
N TRP B 215 0.08 -16.64 -7.63
CA TRP B 215 0.43 -15.25 -7.93
C TRP B 215 0.32 -14.93 -9.39
N ALA B 216 0.10 -13.66 -9.69
CA ALA B 216 -0.03 -13.27 -11.03
C ALA B 216 0.28 -11.80 -11.15
N THR B 217 0.82 -11.43 -12.31
CA THR B 217 1.07 -10.06 -12.73
C THR B 217 0.28 -9.73 -13.98
N GLY B 218 0.03 -8.45 -14.21
CA GLY B 218 -0.77 -8.04 -15.34
C GLY B 218 -0.27 -6.72 -15.91
N LEU B 219 -0.32 -6.60 -17.24
CA LEU B 219 -0.02 -5.33 -17.95
C LEU B 219 -1.07 -5.09 -18.97
N LYS B 220 -1.50 -3.85 -19.12
CA LYS B 220 -2.57 -3.66 -20.09
C LYS B 220 -2.49 -2.26 -20.64
N TYR B 221 -3.11 -2.08 -21.79
CA TYR B 221 -3.33 -0.80 -22.37
C TYR B 221 -4.79 -0.80 -22.76
N ASP B 222 -5.52 0.24 -22.36
CA ASP B 222 -6.96 0.24 -22.48
C ASP B 222 -7.34 1.67 -22.73
N ALA B 223 -7.33 2.09 -23.98
CA ALA B 223 -7.69 3.50 -24.38
C ALA B 223 -7.76 3.58 -25.88
N ASN B 224 -8.40 4.64 -26.41
CA ASN B 224 -8.50 4.80 -27.88
C ASN B 224 -9.04 3.58 -28.64
N ASN B 225 -10.05 2.95 -28.03
CA ASN B 225 -10.71 1.73 -28.59
C ASN B 225 -9.82 0.50 -28.71
N ILE B 226 -8.63 0.57 -28.11
CA ILE B 226 -7.72 -0.57 -28.13
C ILE B 226 -7.73 -1.18 -26.74
N TYR B 227 -7.65 -2.52 -26.70
CA TYR B 227 -7.45 -3.31 -25.47
C TYR B 227 -6.36 -4.37 -25.72
N LEU B 228 -5.24 -4.28 -24.97
CA LEU B 228 -4.16 -5.28 -25.01
C LEU B 228 -3.83 -5.63 -23.60
N ALA B 229 -3.63 -6.90 -23.30
CA ALA B 229 -3.29 -7.25 -21.91
C ALA B 229 -2.55 -8.54 -21.88
N ALA B 230 -1.73 -8.69 -20.86
CA ALA B 230 -0.98 -9.92 -20.66
C ALA B 230 -0.98 -10.21 -19.19
N ASN B 231 -1.03 -11.50 -18.83
CA ASN B 231 -0.97 -11.89 -17.45
C ASN B 231 0.06 -12.99 -17.40
N TYR B 232 0.93 -12.99 -16.39
CA TYR B 232 1.84 -14.13 -16.14
C TYR B 232 1.69 -14.58 -14.70
N GLY B 233 1.66 -15.88 -14.43
CA GLY B 233 1.60 -16.27 -13.04
C GLY B 233 2.05 -17.70 -12.76
N GLU B 234 2.10 -18.01 -11.48
CA GLU B 234 2.40 -19.39 -11.05
C GLU B 234 1.54 -19.74 -9.89
N THR B 235 1.40 -21.04 -9.65
CA THR B 235 0.66 -21.52 -8.52
C THR B 235 1.45 -22.67 -7.95
N ARG B 236 1.22 -22.97 -6.69
CA ARG B 236 1.79 -24.15 -6.05
C ARG B 236 0.65 -24.82 -5.31
N ASN B 237 0.41 -26.09 -5.64
CA ASN B 237 -0.49 -26.89 -4.88
C ASN B 237 -1.94 -26.34 -4.94
N ALA B 238 -2.28 -25.57 -5.99
CA ALA B 238 -3.56 -24.78 -6.02
C ALA B 238 -4.43 -25.00 -7.26
N THR B 239 -3.86 -25.37 -8.40
CA THR B 239 -4.66 -25.57 -9.62
C THR B 239 -5.21 -26.95 -9.61
N PRO B 240 -6.57 -27.10 -9.71
CA PRO B 240 -7.15 -28.44 -9.67
C PRO B 240 -6.90 -29.22 -10.94
N ILE B 241 -6.59 -30.51 -10.83
CA ILE B 241 -6.36 -31.34 -11.99
C ILE B 241 -6.96 -32.72 -11.85
N THR B 242 -7.13 -33.37 -13.00
CA THR B 242 -7.57 -34.76 -13.11
C THR B 242 -6.68 -35.51 -14.15
N ASN B 243 -6.39 -36.77 -13.86
CA ASN B 243 -5.81 -37.68 -14.88
C ASN B 243 -6.92 -38.62 -15.36
N LYS B 244 -7.39 -38.47 -16.59
CA LYS B 244 -8.58 -39.22 -17.06
C LYS B 244 -8.27 -40.71 -17.24
N PHE B 245 -6.97 -41.05 -17.19
CA PHE B 245 -6.50 -42.42 -17.42
C PHE B 245 -6.65 -43.27 -16.17
N THR B 246 -6.09 -42.76 -15.09
CA THR B 246 -6.11 -43.45 -13.82
C THR B 246 -7.36 -43.12 -12.97
N ASN B 247 -8.26 -42.30 -13.52
CA ASN B 247 -9.24 -41.53 -12.76
C ASN B 247 -8.77 -41.17 -11.33
N THR B 248 -7.66 -40.42 -11.27
CA THR B 248 -7.21 -39.80 -10.01
C THR B 248 -7.25 -38.26 -10.15
N SER B 249 -7.33 -37.58 -9.02
CA SER B 249 -7.42 -36.12 -9.10
C SER B 249 -6.82 -35.42 -7.91
N GLY B 250 -6.75 -34.10 -7.99
CA GLY B 250 -6.26 -33.31 -6.90
C GLY B 250 -5.73 -32.00 -7.45
N PHE B 251 -4.50 -31.62 -7.05
CA PHE B 251 -3.91 -30.35 -7.46
C PHE B 251 -2.52 -30.47 -8.10
N ALA B 252 -2.21 -29.55 -9.03
CA ALA B 252 -0.87 -29.47 -9.61
C ALA B 252 0.12 -28.95 -8.60
N ASN B 253 1.21 -29.70 -8.44
CA ASN B 253 2.28 -29.20 -7.56
C ASN B 253 2.76 -27.79 -7.90
N LYS B 254 2.97 -27.52 -9.19
CA LYS B 254 3.29 -26.17 -9.71
C LYS B 254 2.55 -25.95 -11.03
N THR B 255 2.29 -24.70 -11.40
CA THR B 255 1.87 -24.42 -12.77
C THR B 255 2.51 -23.12 -13.11
N GLN B 256 2.71 -22.85 -14.39
CA GLN B 256 3.11 -21.51 -14.84
C GLN B 256 2.14 -21.14 -15.93
N ASP B 257 1.68 -19.90 -15.96
CA ASP B 257 0.50 -19.57 -16.73
C ASP B 257 0.79 -18.31 -17.46
N VAL B 258 0.36 -18.27 -18.69
CA VAL B 258 0.47 -17.05 -19.44
C VAL B 258 -0.81 -16.87 -20.25
N LEU B 259 -1.26 -15.61 -20.38
CA LEU B 259 -2.48 -15.26 -21.11
C LEU B 259 -2.27 -13.92 -21.77
N LEU B 260 -2.54 -13.89 -23.07
CA LEU B 260 -2.43 -12.66 -23.80
C LEU B 260 -3.73 -12.35 -24.52
N VAL B 261 -4.04 -11.06 -24.72
CA VAL B 261 -5.27 -10.72 -25.41
C VAL B 261 -5.13 -9.44 -26.15
N ALA B 262 -5.74 -9.38 -27.34
CA ALA B 262 -5.80 -8.12 -28.03
C ALA B 262 -7.14 -7.92 -28.69
N GLN B 263 -7.77 -6.75 -28.51
CA GLN B 263 -9.08 -6.55 -29.06
C GLN B 263 -9.09 -5.14 -29.55
N TYR B 264 -10.01 -4.86 -30.43
CA TYR B 264 -10.29 -3.49 -30.92
C TYR B 264 -11.80 -3.27 -30.93
N GLN B 265 -12.28 -2.09 -30.53
CA GLN B 265 -13.68 -1.81 -30.52
C GLN B 265 -14.03 -0.81 -31.62
N PHE B 266 -14.75 -1.25 -32.67
CA PHE B 266 -15.05 -0.35 -33.77
C PHE B 266 -16.24 0.40 -33.32
N ASP B 267 -16.38 1.65 -33.77
CA ASP B 267 -17.53 2.45 -33.34
C ASP B 267 -18.87 1.85 -33.84
N PHE B 268 -18.84 1.16 -34.96
CA PHE B 268 -20.07 0.55 -35.46
C PHE B 268 -20.53 -0.67 -34.60
N GLY B 269 -19.74 -1.08 -33.62
CA GLY B 269 -20.12 -2.17 -32.71
C GLY B 269 -19.40 -3.50 -32.72
N LEU B 270 -18.63 -3.78 -33.78
CA LEU B 270 -17.83 -4.99 -33.80
C LEU B 270 -16.63 -4.84 -32.89
N ARG B 271 -16.34 -5.92 -32.17
CA ARG B 271 -15.22 -6.02 -31.29
C ARG B 271 -14.52 -7.33 -31.57
N PRO B 272 -13.57 -7.33 -32.53
CA PRO B 272 -12.75 -8.53 -32.71
C PRO B 272 -11.76 -8.76 -31.59
N SER B 273 -11.45 -10.06 -31.42
CA SER B 273 -10.58 -10.46 -30.38
C SER B 273 -9.66 -11.53 -30.91
N ILE B 274 -8.40 -11.45 -30.48
CA ILE B 274 -7.49 -12.58 -30.56
C ILE B 274 -6.76 -12.81 -29.25
N ALA B 275 -6.29 -14.04 -29.00
CA ALA B 275 -5.77 -14.31 -27.69
C ALA B 275 -4.92 -15.56 -27.73
N TYR B 276 -4.09 -15.69 -26.72
CA TYR B 276 -3.28 -16.86 -26.52
C TYR B 276 -3.29 -17.19 -25.06
N THR B 277 -3.37 -18.47 -24.70
CA THR B 277 -3.33 -18.90 -23.32
C THR B 277 -2.57 -20.22 -23.22
N LYS B 278 -1.68 -20.33 -22.24
CA LYS B 278 -1.01 -21.59 -21.98
C LYS B 278 -0.79 -21.73 -20.50
N SER B 279 -1.28 -22.84 -19.96
CA SER B 279 -1.03 -23.17 -18.60
C SER B 279 -0.33 -24.54 -18.53
N LYS B 280 0.88 -24.57 -17.94
CA LYS B 280 1.62 -25.85 -17.87
C LYS B 280 1.80 -26.29 -16.43
N ALA B 281 1.47 -27.55 -16.14
CA ALA B 281 1.68 -28.13 -14.82
C ALA B 281 3.11 -28.71 -14.78
N LYS B 282 3.69 -28.75 -13.59
CA LYS B 282 5.03 -29.29 -13.38
C LYS B 282 5.00 -30.16 -12.14
N ASP B 283 5.93 -31.11 -12.09
CA ASP B 283 6.05 -32.06 -10.96
C ASP B 283 4.75 -32.77 -10.59
N VAL B 284 3.94 -33.08 -11.58
CA VAL B 284 2.68 -33.80 -11.37
C VAL B 284 3.00 -35.27 -11.07
N GLU B 285 2.56 -35.77 -9.92
CA GLU B 285 2.95 -37.16 -9.54
C GLU B 285 2.63 -38.22 -10.61
N GLY B 286 3.70 -38.88 -11.07
CA GLY B 286 3.63 -39.95 -12.06
C GLY B 286 3.62 -39.46 -13.50
N ILE B 287 3.86 -38.16 -13.68
CA ILE B 287 3.90 -37.53 -15.02
C ILE B 287 5.03 -36.49 -15.26
N GLY B 288 5.32 -35.62 -14.31
CA GLY B 288 6.30 -34.57 -14.57
C GLY B 288 5.60 -33.37 -15.18
N ASP B 289 6.14 -32.79 -16.25
CA ASP B 289 5.50 -31.68 -16.96
C ASP B 289 4.38 -32.12 -17.90
N VAL B 290 3.30 -31.31 -17.97
CA VAL B 290 2.14 -31.59 -18.82
C VAL B 290 1.29 -30.31 -19.00
N ASP B 291 0.92 -29.99 -20.24
CA ASP B 291 0.12 -28.81 -20.49
C ASP B 291 -1.33 -29.03 -19.97
N LEU B 292 -1.91 -27.95 -19.45
CA LEU B 292 -3.27 -28.00 -18.95
C LEU B 292 -4.15 -27.29 -19.93
N VAL B 293 -3.60 -26.20 -20.47
CA VAL B 293 -4.33 -25.33 -21.38
C VAL B 293 -3.31 -24.76 -22.37
N ASN B 294 -3.66 -24.77 -23.66
CA ASN B 294 -2.75 -24.26 -24.70
C ASN B 294 -3.54 -24.08 -25.94
N TYR B 295 -3.83 -22.82 -26.29
CA TYR B 295 -4.66 -22.54 -27.41
C TYR B 295 -4.42 -21.12 -27.93
N PHE B 296 -4.83 -20.89 -29.18
CA PHE B 296 -5.04 -19.59 -29.67
C PHE B 296 -6.52 -19.34 -29.80
N GLU B 297 -6.95 -18.06 -29.81
CA GLU B 297 -8.39 -17.73 -29.92
C GLU B 297 -8.56 -16.70 -30.99
N VAL B 298 -9.60 -16.80 -31.81
CA VAL B 298 -10.07 -15.69 -32.62
C VAL B 298 -11.59 -15.56 -32.41
N GLY B 299 -12.14 -14.36 -32.28
CA GLY B 299 -13.58 -14.25 -32.06
C GLY B 299 -14.01 -12.85 -32.27
N ALA B 300 -15.31 -12.61 -32.12
CA ALA B 300 -15.81 -11.24 -32.17
C ALA B 300 -17.13 -11.19 -31.46
N THR B 301 -17.40 -10.02 -30.93
CA THR B 301 -18.68 -9.74 -30.39
C THR B 301 -19.17 -8.59 -31.21
N TYR B 302 -20.46 -8.58 -31.54
CA TYR B 302 -21.09 -7.44 -32.17
C TYR B 302 -22.13 -6.85 -31.19
N TYR B 303 -21.96 -5.59 -30.80
CA TYR B 303 -22.80 -4.95 -29.86
C TYR B 303 -23.79 -4.17 -30.64
N PHE B 304 -25.08 -4.57 -30.56
CA PHE B 304 -26.08 -3.69 -31.15
C PHE B 304 -26.27 -2.44 -30.35
N ASN B 305 -26.29 -2.57 -29.02
CA ASN B 305 -26.38 -1.47 -28.09
C ASN B 305 -26.06 -2.04 -26.74
N LYS B 306 -26.36 -1.29 -25.68
CA LYS B 306 -25.99 -1.72 -24.36
C LYS B 306 -26.76 -2.96 -23.85
N ASN B 307 -27.84 -3.30 -24.54
CA ASN B 307 -28.70 -4.39 -24.08
C ASN B 307 -28.61 -5.61 -24.91
N MET B 308 -28.10 -5.48 -26.15
CA MET B 308 -28.16 -6.64 -27.07
C MET B 308 -26.84 -6.87 -27.76
N SER B 309 -26.38 -8.14 -27.82
CA SER B 309 -25.16 -8.46 -28.55
C SER B 309 -25.19 -9.88 -29.12
N THR B 310 -24.33 -10.15 -30.07
CA THR B 310 -24.13 -11.51 -30.47
C THR B 310 -22.65 -11.80 -30.56
N TYR B 311 -22.23 -13.08 -30.50
CA TYR B 311 -20.81 -13.31 -30.66
C TYR B 311 -20.45 -14.68 -31.19
N VAL B 312 -19.21 -14.78 -31.68
CA VAL B 312 -18.61 -16.08 -32.03
C VAL B 312 -17.24 -16.17 -31.42
N ASP B 313 -16.87 -17.34 -30.90
CA ASP B 313 -15.58 -17.44 -30.28
C ASP B 313 -15.00 -18.80 -30.67
N TYR B 314 -13.80 -18.81 -31.28
CA TYR B 314 -13.19 -20.03 -31.80
C TYR B 314 -11.89 -20.35 -31.08
N ILE B 315 -11.80 -21.55 -30.51
CA ILE B 315 -10.65 -21.95 -29.74
C ILE B 315 -9.86 -22.90 -30.60
N ILE B 316 -8.75 -22.40 -31.12
CA ILE B 316 -7.84 -23.31 -31.87
C ILE B 316 -6.97 -24.03 -30.85
N ASN B 317 -7.33 -25.26 -30.52
CA ASN B 317 -6.78 -25.95 -29.37
C ASN B 317 -5.43 -26.59 -29.72
N GLN B 318 -4.35 -26.16 -29.04
CA GLN B 318 -3.01 -26.75 -29.31
C GLN B 318 -2.66 -27.89 -28.41
N ILE B 319 -3.52 -28.24 -27.45
CA ILE B 319 -3.27 -29.45 -26.67
C ILE B 319 -3.16 -30.63 -27.72
N ASP B 320 -2.11 -31.47 -27.64
CA ASP B 320 -2.04 -32.67 -28.54
C ASP B 320 -2.86 -33.82 -27.99
N SER B 321 -3.14 -34.80 -28.86
CA SER B 321 -3.95 -36.01 -28.56
C SER B 321 -3.31 -37.03 -27.66
N ASP B 322 -2.02 -36.92 -27.41
CA ASP B 322 -1.37 -37.84 -26.46
C ASP B 322 -1.05 -37.11 -25.15
N ASN B 323 -1.71 -35.95 -24.90
CA ASN B 323 -1.58 -35.26 -23.60
C ASN B 323 -1.64 -36.26 -22.43
N LYS B 324 -0.69 -36.22 -21.52
CA LYS B 324 -0.54 -37.28 -20.50
C LYS B 324 -1.63 -37.35 -19.44
N LEU B 325 -2.40 -36.27 -19.27
CA LEU B 325 -3.50 -36.26 -18.28
C LEU B 325 -4.88 -36.48 -18.94
N GLY B 326 -4.91 -36.55 -20.26
CA GLY B 326 -6.16 -36.75 -20.95
C GLY B 326 -6.90 -35.47 -21.30
N VAL B 327 -6.30 -34.31 -21.02
CA VAL B 327 -6.85 -33.04 -21.48
C VAL B 327 -7.29 -33.07 -22.95
N GLY B 328 -8.55 -32.70 -23.19
CA GLY B 328 -9.09 -32.58 -24.56
C GLY B 328 -8.28 -31.77 -25.60
N SER B 329 -8.08 -32.36 -26.79
CA SER B 329 -7.29 -31.76 -27.88
C SER B 329 -8.09 -31.12 -28.98
N ASP B 330 -9.39 -31.33 -29.03
CA ASP B 330 -10.16 -30.78 -30.15
C ASP B 330 -10.58 -29.33 -29.95
N ASP B 331 -10.80 -28.67 -31.08
CA ASP B 331 -11.25 -27.29 -31.14
C ASP B 331 -12.70 -27.12 -30.68
N THR B 332 -13.10 -25.87 -30.38
CA THR B 332 -14.48 -25.66 -29.98
C THR B 332 -14.85 -24.30 -30.51
N VAL B 333 -15.99 -24.17 -31.13
CA VAL B 333 -16.50 -22.83 -31.51
C VAL B 333 -17.80 -22.58 -30.72
N ALA B 334 -17.97 -21.34 -30.19
CA ALA B 334 -19.22 -20.99 -29.52
C ALA B 334 -19.96 -19.89 -30.32
N VAL B 335 -21.31 -19.97 -30.36
CA VAL B 335 -22.08 -18.91 -30.93
C VAL B 335 -23.12 -18.47 -29.94
N GLY B 336 -23.27 -17.17 -29.65
CA GLY B 336 -24.20 -16.74 -28.55
C GLY B 336 -25.01 -15.52 -29.05
N ILE B 337 -26.17 -15.32 -28.45
CA ILE B 337 -27.00 -14.15 -28.65
C ILE B 337 -27.40 -13.72 -27.18
N VAL B 338 -27.26 -12.44 -26.83
CA VAL B 338 -27.35 -12.05 -25.43
C VAL B 338 -28.29 -10.89 -25.30
N TYR B 339 -29.33 -10.99 -24.47
CA TYR B 339 -30.15 -9.82 -24.16
C TYR B 339 -29.81 -9.56 -22.70
N GLN B 340 -29.41 -8.34 -22.34
CA GLN B 340 -29.05 -8.12 -20.88
C GLN B 340 -29.61 -6.77 -20.45
N PHE B 341 -29.82 -6.64 -19.12
CA PHE B 341 -30.41 -5.44 -18.58
C PHE B 341 -29.83 -5.18 -17.19
#